data_9JK1
#
_entry.id   9JK1
#
_cell.length_a   50.200
_cell.length_b   77.190
_cell.length_c   91.460
_cell.angle_alpha   75.880
_cell.angle_beta   85.630
_cell.angle_gamma   77.920
#
_symmetry.space_group_name_H-M   'P 1'
#
loop_
_entity.id
_entity.type
_entity.pdbx_description
1 polymer 'Cyclin-dependent kinase 12'
2 polymer Cyclin-K
3 non-polymer 1,2-ETHANEDIOL
4 non-polymer N-[5-[[4-[(5-cyanopyridin-2-yl)amino]cyclohexyl]-[(phenylmethyl)carbamoyl]amino]-2-[4-(dimethylamino)piperidin-1-yl]phenyl]propanamide
5 non-polymer 'MAGNESIUM ION'
6 non-polymer DI(HYDROXYETHYL)ETHER
7 water water
#
loop_
_entity_poly.entity_id
_entity_poly.type
_entity_poly.pdbx_seq_one_letter_code
_entity_poly.pdbx_strand_id
1 'polypeptide(L)'
;GATESDWGKRCVDKFDIIGIIGEGTYGQVYKAKDKDTGELVALKKVRLDNEKEGFPITAIREIKILRQLIHRSVVNMKEI
VTDKQDALDFKKDKGAFYLVFEYMDHDLMGLLESGLVHFSEDHIKSFMKQLMEGLEYCHKKNFLHRDIKCSNILLNNSGQ
IKLADFGLARLYNSEESRPY(TPO)NKVITLWYRPPELLLGEERYTPAIDVWSCGCILGELFTKKPIFQANLELAQLELI
SRLCGSPCPAVWPDVIKLPYFNTMKPKKQYRRRLREEFSFIPSAALDLLDHMLTLDPSKRCTAEQTLQSDFLKDVELSKM
APPDLPHWQDCHELWSKKRRRQRQ
;
A,B
2 'polypeptide(L)'
;GAMKENKENSSPSVTSANLDHTKPCWYWDKKDLAHTPSQLEGLDPATEARYRREGARFIFDVGTRLGLHYDTLATGIIYF
HRFYMFHSFKQFPRYVTGACCLFLAGKVEETPKKCKDIIKTARSLLNDVQFGQFGDDPKEEVMVLERILLQTIKFDLQVE
HPYQFLLKYAKQLKGDKNKIQKLVQMAWTFVNDSLCTTLSLQWEPEIIAVAVMYLAGRLCKFEIQEWTSKPMYRRWWEQF
VQDVPVDVLEDICHQILDLYSQGKQQMPH
;
D,C
#
# COMPACT_ATOMS: atom_id res chain seq x y z
N SER A 5 20.59 -17.73 -29.05
CA SER A 5 21.13 -16.65 -28.24
C SER A 5 21.21 -15.36 -29.04
N ASP A 6 22.03 -15.38 -30.10
CA ASP A 6 22.11 -14.24 -31.00
C ASP A 6 20.79 -14.07 -31.72
N TRP A 7 19.90 -13.25 -31.17
CA TRP A 7 18.56 -13.07 -31.70
C TRP A 7 18.49 -11.75 -32.45
N GLY A 8 17.64 -11.70 -33.46
CA GLY A 8 17.45 -10.51 -34.25
C GLY A 8 18.26 -10.45 -35.53
N LYS A 9 19.21 -11.37 -35.72
CA LYS A 9 20.04 -11.37 -36.91
C LYS A 9 19.43 -12.17 -38.06
N ARG A 10 18.82 -13.32 -37.77
CA ARG A 10 18.24 -14.14 -38.83
C ARG A 10 17.11 -13.39 -39.51
N CYS A 11 16.93 -13.67 -40.80
CA CYS A 11 15.96 -12.94 -41.61
C CYS A 11 14.68 -13.75 -41.76
N VAL A 12 13.60 -13.05 -42.10
CA VAL A 12 12.30 -13.69 -42.26
C VAL A 12 12.27 -14.53 -43.53
N ASP A 13 13.15 -14.23 -44.49
CA ASP A 13 13.24 -15.03 -45.72
C ASP A 13 13.56 -16.49 -45.44
N LYS A 14 14.10 -16.82 -44.27
CA LYS A 14 14.27 -18.20 -43.86
C LYS A 14 12.95 -18.89 -43.55
N PHE A 15 11.84 -18.15 -43.53
CA PHE A 15 10.51 -18.70 -43.33
C PHE A 15 9.62 -18.37 -44.52
N ASP A 16 8.61 -19.20 -44.72
CA ASP A 16 7.60 -18.96 -45.75
C ASP A 16 6.26 -18.79 -45.08
N ILE A 17 5.63 -17.64 -45.30
CA ILE A 17 4.33 -17.35 -44.68
C ILE A 17 3.27 -18.22 -45.33
N ILE A 18 2.61 -19.05 -44.52
CA ILE A 18 1.52 -19.88 -45.02
C ILE A 18 0.21 -19.10 -45.03
N GLY A 19 -0.19 -18.60 -43.86
CA GLY A 19 -1.40 -17.82 -43.76
C GLY A 19 -1.39 -16.95 -42.53
N ILE A 20 -2.52 -16.30 -42.29
CA ILE A 20 -2.69 -15.38 -41.17
C ILE A 20 -3.35 -16.15 -40.03
N ILE A 21 -2.64 -16.26 -38.90
CA ILE A 21 -3.20 -16.94 -37.73
C ILE A 21 -4.21 -16.05 -37.02
N GLY A 22 -3.88 -14.79 -36.79
CA GLY A 22 -4.79 -13.89 -36.13
C GLY A 22 -4.34 -12.46 -36.22
N GLU A 23 -4.83 -11.64 -35.28
CA GLU A 23 -4.45 -10.24 -35.21
C GLU A 23 -4.16 -9.89 -33.76
N GLY A 24 -2.88 -9.74 -33.44
CA GLY A 24 -2.43 -9.34 -32.12
C GLY A 24 -2.41 -7.83 -31.96
N THR A 25 -1.73 -7.38 -30.92
CA THR A 25 -1.69 -5.95 -30.61
C THR A 25 -0.77 -5.20 -31.58
N TYR A 26 0.42 -5.71 -31.80
CA TYR A 26 1.39 -5.02 -32.66
C TYR A 26 1.24 -5.28 -34.13
N GLY A 27 0.56 -6.34 -34.47
CA GLY A 27 0.37 -6.67 -35.87
C GLY A 27 -0.48 -7.91 -36.05
N GLN A 28 -0.29 -8.58 -37.17
CA GLN A 28 -0.99 -9.82 -37.48
C GLN A 28 -0.10 -11.00 -37.07
N VAL A 29 -0.74 -12.14 -36.83
CA VAL A 29 -0.02 -13.38 -36.51
C VAL A 29 -0.03 -14.27 -37.74
N TYR A 30 1.15 -14.77 -38.10
CA TYR A 30 1.34 -15.49 -39.36
C TYR A 30 1.74 -16.93 -39.09
N LYS A 31 1.09 -17.85 -39.78
CA LYS A 31 1.53 -19.24 -39.79
C LYS A 31 2.64 -19.38 -40.82
N ALA A 32 3.78 -19.92 -40.40
CA ALA A 32 4.92 -20.04 -41.29
C ALA A 32 5.66 -21.34 -41.00
N LYS A 33 6.50 -21.73 -41.94
CA LYS A 33 7.30 -22.95 -41.83
C LYS A 33 8.75 -22.62 -42.13
N ASP A 34 9.65 -23.28 -41.42
CA ASP A 34 11.07 -23.05 -41.62
C ASP A 34 11.52 -23.67 -42.93
N LYS A 35 12.17 -22.88 -43.78
CA LYS A 35 12.63 -23.38 -45.06
C LYS A 35 13.84 -24.30 -44.93
N ASP A 36 14.48 -24.31 -43.76
CA ASP A 36 15.64 -25.15 -43.52
C ASP A 36 15.33 -26.45 -42.80
N THR A 37 14.34 -26.46 -41.92
CA THR A 37 14.03 -27.65 -41.13
C THR A 37 12.61 -28.17 -41.29
N GLY A 38 11.68 -27.35 -41.77
CA GLY A 38 10.30 -27.77 -41.90
C GLY A 38 9.43 -27.49 -40.69
N GLU A 39 10.01 -26.95 -39.63
CA GLU A 39 9.25 -26.62 -38.42
C GLU A 39 8.20 -25.57 -38.70
N LEU A 40 6.98 -25.82 -38.24
CA LEU A 40 5.95 -24.79 -38.23
C LEU A 40 6.20 -23.83 -37.08
N VAL A 41 5.97 -22.54 -37.34
CA VAL A 41 6.15 -21.48 -36.36
C VAL A 41 5.01 -20.49 -36.49
N ALA A 42 4.83 -19.70 -35.44
CA ALA A 42 3.92 -18.56 -35.46
C ALA A 42 4.76 -17.29 -35.39
N LEU A 43 4.47 -16.35 -36.28
CA LEU A 43 5.24 -15.12 -36.40
C LEU A 43 4.36 -13.94 -36.03
N LYS A 44 4.83 -13.11 -35.10
CA LYS A 44 4.16 -11.88 -34.74
C LYS A 44 4.90 -10.71 -35.37
N LYS A 45 4.24 -10.02 -36.29
CA LYS A 45 4.85 -8.89 -36.98
C LYS A 45 4.84 -7.67 -36.07
N VAL A 46 6.01 -7.13 -35.77
CA VAL A 46 6.15 -5.92 -34.96
C VAL A 46 6.67 -4.82 -35.88
N ARG A 47 5.77 -3.97 -36.36
CA ARG A 47 6.16 -2.86 -37.22
C ARG A 47 6.74 -1.71 -36.41
N LEU A 48 7.76 -1.07 -36.96
CA LEU A 48 8.30 0.16 -36.40
C LEU A 48 8.47 1.28 -37.42
N ASP A 49 8.33 0.98 -38.71
CA ASP A 49 8.48 1.99 -39.76
C ASP A 49 7.73 3.28 -39.44
N ASN A 50 6.44 3.17 -39.15
CA ASN A 50 5.57 4.33 -38.99
C ASN A 50 5.39 4.76 -37.55
N GLU A 51 5.63 3.87 -36.58
CA GLU A 51 5.45 4.20 -35.17
C GLU A 51 6.20 5.49 -34.83
N LYS A 52 5.57 6.33 -33.99
CA LYS A 52 6.15 7.59 -33.55
C LYS A 52 7.23 7.43 -32.49
N GLU A 53 7.21 6.36 -31.71
CA GLU A 53 8.19 6.16 -30.65
C GLU A 53 8.97 4.88 -30.88
N GLY A 54 9.19 4.54 -32.15
CA GLY A 54 10.03 3.41 -32.52
C GLY A 54 9.41 2.09 -32.09
N PHE A 55 10.29 1.16 -31.68
CA PHE A 55 9.85 -0.16 -31.27
C PHE A 55 8.83 -0.07 -30.15
N PRO A 56 7.66 -0.69 -30.28
CA PRO A 56 6.59 -0.50 -29.29
C PRO A 56 7.02 -1.01 -27.93
N ILE A 57 6.75 -0.20 -26.89
CA ILE A 57 7.04 -0.60 -25.52
C ILE A 57 6.19 -1.79 -25.12
N THR A 58 5.02 -1.95 -25.75
CA THR A 58 4.20 -3.12 -25.46
C THR A 58 4.90 -4.40 -25.91
N ALA A 59 5.59 -4.36 -27.06
CA ALA A 59 6.34 -5.54 -27.49
C ALA A 59 7.58 -5.75 -26.66
N ILE A 60 8.23 -4.66 -26.23
CA ILE A 60 9.37 -4.75 -25.32
C ILE A 60 8.95 -5.40 -24.02
N ARG A 61 7.76 -5.08 -23.53
CA ARG A 61 7.25 -5.76 -22.34
C ARG A 61 7.12 -7.26 -22.59
N GLU A 62 6.36 -7.62 -23.62
CA GLU A 62 6.15 -9.02 -23.97
C GLU A 62 7.45 -9.79 -24.19
N ILE A 63 8.49 -9.12 -24.66
CA ILE A 63 9.77 -9.77 -24.91
C ILE A 63 10.47 -10.11 -23.61
N LYS A 64 10.67 -9.11 -22.75
CA LYS A 64 11.46 -9.33 -21.54
C LYS A 64 10.69 -10.09 -20.46
N ILE A 65 9.40 -10.36 -20.66
CA ILE A 65 8.71 -11.31 -19.79
C ILE A 65 8.91 -12.75 -20.28
N LEU A 66 8.67 -12.99 -21.57
CA LEU A 66 8.76 -14.34 -22.10
C LEU A 66 10.19 -14.88 -22.12
N ARG A 67 11.19 -14.02 -21.97
CA ARG A 67 12.58 -14.47 -21.90
C ARG A 67 13.02 -14.75 -20.48
N GLN A 68 12.12 -14.54 -19.51
CA GLN A 68 12.34 -14.96 -18.13
C GLN A 68 11.57 -16.22 -17.78
N LEU A 69 10.62 -16.62 -18.62
CA LEU A 69 9.75 -17.75 -18.36
C LEU A 69 10.11 -18.89 -19.31
N ILE A 70 10.56 -20.00 -18.74
CA ILE A 70 10.80 -21.23 -19.50
C ILE A 70 10.01 -22.33 -18.81
N HIS A 71 9.06 -22.92 -19.53
CA HIS A 71 8.17 -23.91 -18.95
C HIS A 71 7.48 -24.68 -20.07
N ARG A 72 7.09 -25.92 -19.76
CA ARG A 72 6.41 -26.75 -20.76
C ARG A 72 5.03 -26.18 -21.10
N SER A 73 4.38 -25.50 -20.15
CA SER A 73 3.04 -24.98 -20.33
C SER A 73 3.02 -23.50 -20.70
N VAL A 74 4.18 -22.91 -20.98
CA VAL A 74 4.27 -21.51 -21.41
C VAL A 74 4.90 -21.50 -22.80
N VAL A 75 4.29 -20.74 -23.72
CA VAL A 75 4.79 -20.71 -25.09
C VAL A 75 6.21 -20.16 -25.09
N ASN A 76 7.11 -20.87 -25.76
CA ASN A 76 8.51 -20.48 -25.81
C ASN A 76 8.76 -19.64 -27.05
N MET A 77 9.37 -18.47 -26.86
CA MET A 77 9.76 -17.63 -27.98
C MET A 77 11.10 -18.16 -28.51
N LYS A 78 11.08 -18.70 -29.73
CA LYS A 78 12.28 -19.32 -30.28
C LYS A 78 13.34 -18.28 -30.59
N GLU A 79 12.98 -17.23 -31.31
CA GLU A 79 13.94 -16.27 -31.82
C GLU A 79 13.18 -15.03 -32.31
N ILE A 80 13.94 -14.03 -32.73
CA ILE A 80 13.40 -12.82 -33.32
C ILE A 80 14.07 -12.62 -34.67
N VAL A 81 13.29 -12.26 -35.69
CA VAL A 81 13.81 -12.13 -37.04
C VAL A 81 13.39 -10.80 -37.63
N THR A 82 14.20 -10.31 -38.57
CA THR A 82 13.96 -9.06 -39.27
C THR A 82 13.73 -9.35 -40.76
N ASP A 83 13.70 -8.28 -41.56
CA ASP A 83 13.50 -8.38 -42.99
C ASP A 83 14.40 -7.38 -43.69
N LYS A 84 14.91 -7.76 -44.85
CA LYS A 84 15.76 -6.89 -45.64
C LYS A 84 15.97 -7.47 -47.04
N GLY A 95 11.71 -1.50 -42.41
CA GLY A 95 11.23 -2.85 -42.25
C GLY A 95 10.52 -3.08 -40.92
N ALA A 96 10.59 -4.31 -40.42
CA ALA A 96 9.92 -4.67 -39.17
C ALA A 96 10.64 -5.88 -38.57
N PHE A 97 10.15 -6.31 -37.41
CA PHE A 97 10.66 -7.50 -36.74
C PHE A 97 9.53 -8.51 -36.58
N TYR A 98 9.90 -9.78 -36.45
CA TYR A 98 8.94 -10.85 -36.28
C TYR A 98 9.32 -11.67 -35.05
N LEU A 99 8.34 -11.90 -34.18
CA LEU A 99 8.55 -12.71 -32.99
C LEU A 99 8.21 -14.15 -33.32
N VAL A 100 9.17 -15.05 -33.14
CA VAL A 100 9.02 -16.46 -33.51
C VAL A 100 8.61 -17.25 -32.29
N PHE A 101 7.44 -17.88 -32.37
CA PHE A 101 6.93 -18.74 -31.32
C PHE A 101 6.79 -20.17 -31.85
N GLU A 102 6.86 -21.14 -30.93
CA GLU A 102 6.53 -22.51 -31.28
C GLU A 102 5.08 -22.58 -31.74
N TYR A 103 4.87 -23.24 -32.88
CA TYR A 103 3.53 -23.31 -33.47
C TYR A 103 2.65 -24.27 -32.69
N MET A 104 1.53 -23.77 -32.20
CA MET A 104 0.48 -24.58 -31.61
C MET A 104 -0.58 -24.90 -32.66
N ASP A 105 -1.32 -25.98 -32.42
CA ASP A 105 -2.25 -26.46 -33.42
C ASP A 105 -3.65 -25.88 -33.25
N HIS A 106 -4.02 -25.50 -32.03
CA HIS A 106 -5.37 -25.01 -31.78
C HIS A 106 -5.38 -24.11 -30.55
N ASP A 107 -6.42 -23.30 -30.46
CA ASP A 107 -6.79 -22.61 -29.24
C ASP A 107 -8.11 -23.17 -28.72
N LEU A 108 -8.32 -23.08 -27.41
CA LEU A 108 -9.52 -23.68 -26.83
C LEU A 108 -10.78 -22.95 -27.24
N MET A 109 -10.70 -21.64 -27.49
CA MET A 109 -11.89 -20.91 -27.90
C MET A 109 -12.36 -21.40 -29.27
N GLY A 110 -11.45 -21.44 -30.24
CA GLY A 110 -11.81 -21.91 -31.57
C GLY A 110 -12.30 -23.34 -31.55
N LEU A 111 -11.79 -24.15 -30.64
CA LEU A 111 -12.22 -25.54 -30.53
C LEU A 111 -13.67 -25.63 -30.02
N LEU A 112 -13.98 -24.92 -28.94
CA LEU A 112 -15.32 -25.00 -28.35
C LEU A 112 -16.37 -24.37 -29.25
N GLU A 113 -16.05 -23.26 -29.90
CA GLU A 113 -17.01 -22.60 -30.77
C GLU A 113 -17.32 -23.40 -32.03
N SER A 114 -16.47 -24.39 -32.37
CA SER A 114 -16.71 -25.20 -33.55
C SER A 114 -17.80 -26.24 -33.33
N GLY A 115 -17.87 -26.81 -32.12
CA GLY A 115 -18.83 -27.85 -31.84
C GLY A 115 -18.42 -29.24 -32.26
N LEU A 116 -17.26 -29.39 -32.91
CA LEU A 116 -16.79 -30.69 -33.38
C LEU A 116 -15.93 -31.41 -32.35
N VAL A 117 -15.68 -30.81 -31.20
CA VAL A 117 -14.84 -31.39 -30.16
C VAL A 117 -15.68 -31.61 -28.90
N HIS A 118 -15.43 -32.74 -28.23
CA HIS A 118 -16.03 -33.03 -26.94
C HIS A 118 -14.92 -33.49 -26.00
N PHE A 119 -14.76 -32.80 -24.89
CA PHE A 119 -13.68 -33.09 -23.94
C PHE A 119 -14.24 -33.94 -22.80
N SER A 120 -13.59 -35.07 -22.55
CA SER A 120 -13.93 -35.89 -21.39
C SER A 120 -13.33 -35.26 -20.13
N GLU A 121 -13.79 -35.72 -18.96
CA GLU A 121 -13.20 -35.24 -17.73
C GLU A 121 -11.73 -35.65 -17.62
N ASP A 122 -11.38 -36.79 -18.23
CA ASP A 122 -9.97 -37.17 -18.35
C ASP A 122 -9.20 -36.14 -19.19
N HIS A 123 -9.85 -35.59 -20.21
CA HIS A 123 -9.24 -34.53 -21.00
C HIS A 123 -9.15 -33.22 -20.19
N ILE A 124 -10.22 -32.89 -19.48
CA ILE A 124 -10.25 -31.63 -18.73
C ILE A 124 -9.26 -31.66 -17.57
N LYS A 125 -9.11 -32.81 -16.91
CA LYS A 125 -8.12 -32.93 -15.85
C LYS A 125 -6.70 -32.74 -16.39
N SER A 126 -6.41 -33.31 -17.56
CA SER A 126 -5.10 -33.10 -18.16
C SER A 126 -4.90 -31.66 -18.58
N PHE A 127 -5.95 -31.03 -19.12
CA PHE A 127 -5.84 -29.63 -19.52
C PHE A 127 -5.60 -28.73 -18.32
N MET A 128 -6.34 -28.96 -17.23
CA MET A 128 -6.23 -28.11 -16.06
C MET A 128 -4.89 -28.33 -15.34
N LYS A 129 -4.37 -29.56 -15.37
CA LYS A 129 -3.10 -29.82 -14.70
C LYS A 129 -1.97 -29.06 -15.38
N GLN A 130 -1.95 -29.04 -16.72
CA GLN A 130 -0.91 -28.29 -17.42
C GLN A 130 -1.08 -26.79 -17.23
N LEU A 131 -2.32 -26.30 -17.36
CA LEU A 131 -2.57 -24.88 -17.24
C LEU A 131 -2.26 -24.37 -15.83
N MET A 132 -2.69 -25.11 -14.81
CA MET A 132 -2.39 -24.68 -13.45
C MET A 132 -0.92 -24.85 -13.13
N GLU A 133 -0.25 -25.84 -13.75
CA GLU A 133 1.19 -26.00 -13.56
C GLU A 133 1.94 -24.85 -14.19
N GLY A 134 1.51 -24.39 -15.36
CA GLY A 134 2.14 -23.24 -15.99
C GLY A 134 1.88 -21.94 -15.25
N LEU A 135 0.64 -21.77 -14.76
CA LEU A 135 0.30 -20.57 -14.00
C LEU A 135 1.02 -20.53 -12.66
N GLU A 136 1.19 -21.69 -12.01
CA GLU A 136 1.97 -21.73 -10.78
C GLU A 136 3.42 -21.34 -11.04
N TYR A 137 3.98 -21.76 -12.18
CA TYR A 137 5.33 -21.36 -12.52
C TYR A 137 5.42 -19.84 -12.69
N CYS A 138 4.43 -19.25 -13.37
CA CYS A 138 4.43 -17.80 -13.54
C CYS A 138 4.17 -17.09 -12.22
N HIS A 139 3.31 -17.66 -11.38
CA HIS A 139 3.03 -17.05 -10.08
C HIS A 139 4.22 -17.20 -9.14
N LYS A 140 4.93 -18.33 -9.21
CA LYS A 140 6.12 -18.52 -8.40
C LYS A 140 7.21 -17.52 -8.77
N LYS A 141 7.24 -17.08 -10.04
CA LYS A 141 8.14 -16.03 -10.46
C LYS A 141 7.54 -14.63 -10.28
N ASN A 142 6.44 -14.52 -9.55
CA ASN A 142 5.79 -13.23 -9.26
C ASN A 142 5.37 -12.53 -10.55
N PHE A 143 4.53 -13.22 -11.32
CA PHE A 143 4.06 -12.73 -12.60
C PHE A 143 2.57 -13.00 -12.71
N LEU A 144 1.80 -11.94 -12.96
CA LEU A 144 0.39 -12.07 -13.29
C LEU A 144 0.26 -12.16 -14.80
N HIS A 145 -0.67 -12.99 -15.27
CA HIS A 145 -0.90 -13.04 -16.70
C HIS A 145 -1.81 -11.90 -17.16
N ARG A 146 -2.89 -11.65 -16.41
CA ARG A 146 -3.81 -10.53 -16.58
C ARG A 146 -4.56 -10.57 -17.90
N ASP A 147 -4.56 -11.70 -18.60
CA ASP A 147 -5.33 -11.82 -19.83
C ASP A 147 -5.66 -13.28 -20.12
N ILE A 148 -5.99 -14.04 -19.08
CA ILE A 148 -6.34 -15.44 -19.26
C ILE A 148 -7.75 -15.53 -19.84
N LYS A 149 -7.86 -16.19 -20.98
CA LYS A 149 -9.14 -16.44 -21.63
C LYS A 149 -8.99 -17.69 -22.48
N CYS A 150 -10.11 -18.17 -23.03
CA CYS A 150 -10.07 -19.40 -23.82
C CYS A 150 -9.25 -19.21 -25.09
N SER A 151 -9.27 -18.01 -25.67
CA SER A 151 -8.50 -17.77 -26.89
C SER A 151 -7.00 -17.81 -26.64
N ASN A 152 -6.55 -17.53 -25.41
CA ASN A 152 -5.14 -17.52 -25.09
C ASN A 152 -4.63 -18.81 -24.48
N ILE A 153 -5.47 -19.85 -24.40
CA ILE A 153 -5.04 -21.20 -24.05
C ILE A 153 -4.85 -21.97 -25.34
N LEU A 154 -3.62 -22.39 -25.61
CA LEU A 154 -3.30 -23.08 -26.85
C LEU A 154 -3.15 -24.57 -26.58
N LEU A 155 -3.68 -25.39 -27.48
CA LEU A 155 -3.65 -26.84 -27.35
C LEU A 155 -2.99 -27.46 -28.57
N ASN A 156 -2.09 -28.41 -28.34
CA ASN A 156 -1.46 -29.15 -29.42
C ASN A 156 -2.24 -30.42 -29.74
N ASN A 157 -2.02 -30.94 -30.95
CA ASN A 157 -2.59 -32.23 -31.32
C ASN A 157 -1.99 -33.37 -30.50
N SER A 158 -0.78 -33.17 -29.95
CA SER A 158 -0.21 -34.16 -29.04
C SER A 158 -0.87 -34.14 -27.67
N GLY A 159 -1.69 -33.15 -27.37
CA GLY A 159 -2.31 -33.03 -26.07
C GLY A 159 -1.67 -32.04 -25.14
N GLN A 160 -0.67 -31.29 -25.61
CA GLN A 160 0.02 -30.33 -24.75
C GLN A 160 -0.74 -29.00 -24.69
N ILE A 161 -0.83 -28.45 -23.47
CA ILE A 161 -1.50 -27.18 -23.21
C ILE A 161 -0.43 -26.13 -22.97
N LYS A 162 -0.66 -24.92 -23.46
CA LYS A 162 0.30 -23.84 -23.32
C LYS A 162 -0.43 -22.53 -23.04
N LEU A 163 0.25 -21.62 -22.34
CA LEU A 163 -0.29 -20.30 -22.02
C LEU A 163 0.39 -19.28 -22.92
N ALA A 164 -0.40 -18.36 -23.49
CA ALA A 164 0.09 -17.50 -24.55
C ALA A 164 -0.29 -16.04 -24.32
N ASP A 165 0.25 -15.18 -25.18
CA ASP A 165 -0.01 -13.74 -25.20
C ASP A 165 0.27 -13.10 -23.83
N PHE A 166 1.56 -13.03 -23.52
CA PHE A 166 2.05 -12.45 -22.28
C PHE A 166 2.32 -10.95 -22.38
N GLY A 167 1.77 -10.28 -23.41
CA GLY A 167 1.98 -8.85 -23.55
C GLY A 167 1.42 -8.04 -22.41
N LEU A 168 0.33 -8.51 -21.79
CA LEU A 168 -0.30 -7.83 -20.68
C LEU A 168 0.14 -8.39 -19.32
N ALA A 169 1.09 -9.33 -19.32
CA ALA A 169 1.59 -9.87 -18.07
C ALA A 169 2.45 -8.85 -17.34
N ARG A 170 2.32 -8.81 -16.02
CA ARG A 170 3.07 -7.83 -15.24
C ARG A 170 3.63 -8.47 -13.99
N LEU A 171 4.76 -7.93 -13.54
CA LEU A 171 5.37 -8.35 -12.29
C LEU A 171 4.46 -8.00 -11.12
N TYR A 172 4.52 -8.81 -10.07
CA TYR A 172 3.69 -8.65 -8.89
C TYR A 172 4.56 -8.45 -7.66
N ASN A 173 4.20 -7.47 -6.83
CA ASN A 173 4.96 -7.21 -5.61
C ASN A 173 4.63 -8.30 -4.61
N SER A 174 5.61 -9.17 -4.34
CA SER A 174 5.40 -10.30 -3.46
C SER A 174 5.39 -9.87 -1.99
N GLU A 175 6.41 -9.13 -1.56
CA GLU A 175 6.57 -8.77 -0.16
C GLU A 175 5.40 -7.92 0.34
N ARG A 178 1.74 -2.84 -4.01
CA ARG A 178 1.78 -1.74 -4.96
C ARG A 178 0.62 -1.85 -5.95
N PRO A 179 0.15 -0.72 -6.48
CA PRO A 179 -1.02 -0.73 -7.35
C PRO A 179 -0.68 -0.92 -8.83
N TYR A 180 -1.67 -1.45 -9.55
CA TYR A 180 -1.54 -1.68 -10.99
C TYR A 180 -2.80 -1.19 -11.69
N ASN A 182 -6.54 -1.21 -13.22
CA ASN A 182 -7.83 -1.81 -12.82
C ASN A 182 -8.41 -2.84 -13.79
N LYS A 183 -8.89 -2.37 -14.94
CA LYS A 183 -9.55 -3.21 -15.94
C LYS A 183 -8.49 -3.82 -16.86
N VAL A 184 -8.24 -5.11 -16.72
CA VAL A 184 -7.18 -5.76 -17.48
C VAL A 184 -7.60 -7.05 -18.17
N ILE A 185 -8.59 -7.78 -17.67
CA ILE A 185 -9.02 -9.04 -18.27
C ILE A 185 -10.30 -8.80 -19.05
N THR A 186 -10.45 -9.50 -20.18
CA THR A 186 -11.70 -9.43 -20.93
C THR A 186 -12.87 -9.75 -20.00
N LEU A 187 -14.00 -9.08 -20.22
CA LEU A 187 -15.03 -8.99 -19.20
C LEU A 187 -15.53 -10.36 -18.75
N TRP A 188 -15.59 -11.32 -19.68
CA TRP A 188 -16.16 -12.63 -19.37
C TRP A 188 -15.34 -13.41 -18.35
N TYR A 189 -14.08 -13.03 -18.14
CA TYR A 189 -13.20 -13.72 -17.21
C TYR A 189 -12.58 -12.76 -16.19
N ARG A 190 -13.21 -11.61 -15.95
CA ARG A 190 -12.63 -10.65 -15.01
C ARG A 190 -13.21 -10.89 -13.62
N PRO A 191 -12.38 -10.95 -12.58
CA PRO A 191 -12.88 -11.27 -11.22
C PRO A 191 -13.72 -10.15 -10.66
N PRO A 192 -14.48 -10.41 -9.60
CA PRO A 192 -15.36 -9.37 -9.03
C PRO A 192 -14.61 -8.19 -8.43
N GLU A 193 -13.38 -8.39 -7.93
CA GLU A 193 -12.67 -7.29 -7.29
C GLU A 193 -12.24 -6.22 -8.28
N LEU A 194 -11.90 -6.60 -9.52
CA LEU A 194 -11.55 -5.57 -10.51
C LEU A 194 -12.79 -4.82 -10.99
N LEU A 195 -13.92 -5.51 -11.13
CA LEU A 195 -15.15 -4.82 -11.50
C LEU A 195 -15.52 -3.78 -10.45
N LEU A 196 -15.22 -4.05 -9.18
CA LEU A 196 -15.51 -3.13 -8.09
C LEU A 196 -14.40 -2.10 -7.89
N GLY A 197 -13.38 -2.09 -8.75
CA GLY A 197 -12.39 -1.03 -8.75
C GLY A 197 -11.09 -1.31 -8.02
N GLU A 198 -10.82 -2.56 -7.65
CA GLU A 198 -9.56 -2.85 -6.96
C GLU A 198 -8.38 -2.56 -7.88
N GLU A 199 -7.37 -1.90 -7.32
CA GLU A 199 -6.18 -1.51 -8.09
C GLU A 199 -4.87 -2.06 -7.55
N ARG A 200 -4.87 -2.74 -6.40
CA ARG A 200 -3.66 -3.37 -5.88
C ARG A 200 -3.84 -4.88 -5.86
N TYR A 201 -4.32 -5.44 -6.96
CA TYR A 201 -4.80 -6.81 -6.96
C TYR A 201 -3.65 -7.81 -6.86
N THR A 202 -4.01 -9.08 -6.91
CA THR A 202 -3.16 -10.21 -6.59
C THR A 202 -3.20 -11.21 -7.74
N PRO A 203 -2.32 -12.23 -7.71
CA PRO A 203 -2.43 -13.32 -8.70
C PRO A 203 -3.81 -13.97 -8.73
N ALA A 204 -4.61 -13.76 -7.69
CA ALA A 204 -5.94 -14.35 -7.62
C ALA A 204 -6.84 -13.95 -8.77
N ILE A 205 -6.47 -12.90 -9.52
CA ILE A 205 -7.23 -12.57 -10.72
C ILE A 205 -7.01 -13.63 -11.79
N ASP A 206 -5.85 -14.28 -11.77
CA ASP A 206 -5.54 -15.28 -12.79
C ASP A 206 -6.22 -16.61 -12.50
N VAL A 207 -6.25 -17.03 -11.23
CA VAL A 207 -6.93 -18.27 -10.89
C VAL A 207 -8.44 -18.13 -11.01
N TRP A 208 -8.96 -16.91 -11.06
CA TRP A 208 -10.39 -16.73 -11.30
C TRP A 208 -10.74 -16.99 -12.76
N SER A 209 -9.99 -16.39 -13.69
CA SER A 209 -10.23 -16.63 -15.11
C SER A 209 -10.11 -18.12 -15.44
N CYS A 210 -9.17 -18.82 -14.82
CA CYS A 210 -9.07 -20.26 -15.01
C CYS A 210 -10.27 -20.98 -14.41
N GLY A 211 -10.87 -20.41 -13.38
CA GLY A 211 -12.15 -20.94 -12.90
C GLY A 211 -13.24 -20.80 -13.94
N CYS A 212 -13.24 -19.68 -14.67
CA CYS A 212 -14.24 -19.49 -15.72
C CYS A 212 -14.04 -20.47 -16.88
N ILE A 213 -12.80 -20.85 -17.16
CA ILE A 213 -12.57 -21.79 -18.26
C ILE A 213 -12.69 -23.24 -17.79
N LEU A 214 -12.46 -23.53 -16.52
CA LEU A 214 -12.79 -24.86 -16.00
C LEU A 214 -14.27 -25.13 -16.17
N GLY A 215 -15.12 -24.15 -15.83
CA GLY A 215 -16.54 -24.30 -16.08
C GLY A 215 -16.89 -24.25 -17.55
N GLU A 216 -16.11 -23.52 -18.34
CA GLU A 216 -16.40 -23.39 -19.77
C GLU A 216 -16.12 -24.69 -20.51
N LEU A 217 -15.13 -25.48 -20.06
CA LEU A 217 -14.86 -26.75 -20.70
C LEU A 217 -15.98 -27.77 -20.50
N PHE A 218 -16.86 -27.55 -19.52
CA PHE A 218 -18.02 -28.40 -19.32
C PHE A 218 -19.30 -27.81 -19.90
N THR A 219 -19.25 -26.59 -20.44
CA THR A 219 -20.42 -25.95 -21.01
C THR A 219 -20.24 -25.51 -22.46
N LYS A 220 -19.02 -25.50 -22.98
CA LYS A 220 -18.69 -24.99 -24.31
C LYS A 220 -19.13 -23.54 -24.50
N LYS A 221 -19.59 -22.88 -23.43
CA LYS A 221 -20.02 -21.50 -23.42
C LYS A 221 -19.41 -20.81 -22.21
N PRO A 222 -18.94 -19.57 -22.36
CA PRO A 222 -18.38 -18.84 -21.21
C PRO A 222 -19.40 -18.70 -20.09
N ILE A 223 -18.92 -18.82 -18.85
CA ILE A 223 -19.81 -18.88 -17.70
C ILE A 223 -20.54 -17.56 -17.50
N PHE A 224 -19.85 -16.44 -17.65
CA PHE A 224 -20.38 -15.11 -17.32
C PHE A 224 -20.34 -14.25 -18.58
N GLN A 225 -21.43 -14.25 -19.33
CA GLN A 225 -21.48 -13.56 -20.62
C GLN A 225 -22.28 -12.27 -20.47
N ALA A 226 -21.58 -11.15 -20.29
CA ALA A 226 -22.18 -9.83 -20.32
C ALA A 226 -21.27 -8.92 -21.13
N ASN A 227 -21.73 -7.69 -21.35
CA ASN A 227 -20.98 -6.70 -22.10
C ASN A 227 -20.61 -5.46 -21.29
N LEU A 228 -21.31 -5.19 -20.20
CA LEU A 228 -21.04 -4.04 -19.34
C LEU A 228 -20.60 -4.56 -17.97
N GLU A 229 -19.85 -3.73 -17.24
CA GLU A 229 -19.25 -4.21 -15.99
C GLU A 229 -20.33 -4.49 -14.94
N LEU A 230 -21.28 -3.57 -14.79
CA LEU A 230 -22.37 -3.77 -13.83
C LEU A 230 -23.24 -4.95 -14.24
N ALA A 231 -23.59 -5.05 -15.52
CA ALA A 231 -24.33 -6.21 -16.00
C ALA A 231 -23.54 -7.49 -15.83
N GLN A 232 -22.22 -7.40 -15.78
CA GLN A 232 -21.37 -8.55 -15.49
C GLN A 232 -21.41 -8.93 -14.01
N LEU A 233 -21.30 -7.94 -13.13
CA LEU A 233 -21.20 -8.21 -11.70
C LEU A 233 -22.42 -8.94 -11.18
N GLU A 234 -23.62 -8.55 -11.64
CA GLU A 234 -24.82 -9.25 -11.19
C GLU A 234 -24.86 -10.68 -11.74
N LEU A 235 -24.29 -10.91 -12.93
CA LEU A 235 -24.31 -12.25 -13.51
C LEU A 235 -23.52 -13.23 -12.64
N ILE A 236 -22.32 -12.82 -12.20
CA ILE A 236 -21.56 -13.66 -11.28
C ILE A 236 -22.29 -13.77 -9.94
N SER A 237 -22.80 -12.64 -9.44
CA SER A 237 -23.50 -12.64 -8.17
C SER A 237 -24.76 -13.49 -8.22
N ARG A 238 -25.35 -13.66 -9.41
CA ARG A 238 -26.47 -14.57 -9.57
C ARG A 238 -26.05 -16.04 -9.45
N LEU A 239 -24.76 -16.34 -9.60
CA LEU A 239 -24.24 -17.69 -9.48
C LEU A 239 -23.45 -17.92 -8.20
N CYS A 240 -22.54 -17.02 -7.87
CA CYS A 240 -21.68 -17.17 -6.71
C CYS A 240 -22.20 -16.46 -5.48
N GLY A 241 -23.38 -15.87 -5.56
CA GLY A 241 -23.86 -15.05 -4.46
C GLY A 241 -23.36 -13.62 -4.57
N SER A 242 -24.15 -12.70 -4.05
CA SER A 242 -23.78 -11.30 -4.14
C SER A 242 -22.61 -11.01 -3.20
N PRO A 243 -21.68 -10.14 -3.59
CA PRO A 243 -20.57 -9.79 -2.71
C PRO A 243 -21.06 -9.08 -1.45
N CYS A 244 -20.79 -9.69 -0.31
CA CYS A 244 -21.20 -9.15 0.98
C CYS A 244 -20.06 -9.27 1.99
N PRO A 245 -20.09 -8.46 3.04
CA PRO A 245 -19.05 -8.57 4.08
C PRO A 245 -19.06 -9.90 4.83
N ALA A 246 -20.15 -10.66 4.76
CA ALA A 246 -20.22 -11.92 5.49
C ALA A 246 -19.25 -12.96 4.90
N VAL A 247 -19.19 -13.08 3.58
CA VAL A 247 -18.27 -14.02 2.94
C VAL A 247 -17.01 -13.33 2.43
N TRP A 248 -16.99 -12.00 2.40
CA TRP A 248 -15.87 -11.26 1.82
C TRP A 248 -15.75 -9.96 2.60
N PRO A 249 -15.04 -9.97 3.74
CA PRO A 249 -15.07 -8.82 4.65
C PRO A 249 -14.53 -7.53 4.04
N ASP A 250 -13.85 -7.59 2.90
CA ASP A 250 -13.22 -6.41 2.32
C ASP A 250 -14.02 -5.79 1.18
N VAL A 251 -15.26 -6.23 0.96
CA VAL A 251 -16.09 -5.60 -0.07
C VAL A 251 -16.27 -4.13 0.23
N ILE A 252 -16.35 -3.77 1.51
CA ILE A 252 -16.60 -2.40 1.92
C ILE A 252 -15.46 -1.47 1.60
N LYS A 253 -14.30 -2.00 1.21
CA LYS A 253 -13.15 -1.16 0.88
C LYS A 253 -12.99 -0.89 -0.61
N LEU A 254 -13.62 -1.68 -1.46
CA LEU A 254 -13.51 -1.46 -2.90
C LEU A 254 -14.38 -0.28 -3.30
N PRO A 255 -13.91 0.55 -4.26
CA PRO A 255 -14.62 1.82 -4.56
C PRO A 255 -16.07 1.65 -4.98
N TYR A 256 -16.31 0.97 -6.10
CA TYR A 256 -17.65 0.93 -6.68
C TYR A 256 -18.53 -0.13 -6.04
N PHE A 257 -18.27 -0.46 -4.77
CA PHE A 257 -19.08 -1.45 -4.09
C PHE A 257 -20.53 -0.99 -3.95
N ASN A 258 -20.73 0.28 -3.60
CA ASN A 258 -22.07 0.82 -3.44
C ASN A 258 -22.62 1.37 -4.75
N THR A 259 -21.78 2.01 -5.55
CA THR A 259 -22.24 2.52 -6.85
C THR A 259 -22.63 1.39 -7.79
N MET A 260 -21.96 0.25 -7.70
CA MET A 260 -22.20 -0.90 -8.57
C MET A 260 -22.62 -2.09 -7.71
N LYS A 261 -23.93 -2.23 -7.48
CA LYS A 261 -24.49 -3.28 -6.66
C LYS A 261 -25.53 -4.08 -7.44
N PRO A 262 -25.67 -5.37 -7.15
CA PRO A 262 -26.69 -6.18 -7.84
C PRO A 262 -28.10 -5.76 -7.45
N LYS A 263 -29.08 -6.34 -8.14
CA LYS A 263 -30.48 -6.05 -7.87
C LYS A 263 -30.85 -6.48 -6.45
N LYS A 264 -30.61 -7.75 -6.11
CA LYS A 264 -30.85 -8.27 -4.78
C LYS A 264 -29.62 -8.98 -4.29
N GLN A 265 -29.66 -9.38 -3.01
CA GLN A 265 -28.59 -10.12 -2.35
C GLN A 265 -28.78 -11.61 -2.64
N TYR A 266 -28.21 -12.07 -3.74
CA TYR A 266 -28.38 -13.45 -4.16
C TYR A 266 -27.63 -14.40 -3.24
N ARG A 267 -27.98 -15.67 -3.33
CA ARG A 267 -27.32 -16.74 -2.60
C ARG A 267 -26.49 -17.57 -3.57
N ARG A 268 -25.36 -18.09 -3.08
CA ARG A 268 -24.49 -18.88 -3.94
C ARG A 268 -25.18 -20.19 -4.28
N ARG A 269 -25.29 -20.48 -5.57
CA ARG A 269 -25.92 -21.69 -6.07
C ARG A 269 -25.03 -22.35 -7.11
N LEU A 270 -23.71 -22.31 -6.89
CA LEU A 270 -22.80 -22.91 -7.83
C LEU A 270 -22.81 -24.43 -7.75
N ARG A 271 -23.03 -24.98 -6.55
CA ARG A 271 -22.95 -26.42 -6.37
C ARG A 271 -24.14 -27.16 -6.99
N GLU A 272 -25.14 -26.43 -7.50
CA GLU A 272 -26.33 -27.02 -8.10
C GLU A 272 -26.53 -26.64 -9.56
N GLU A 273 -26.26 -25.40 -9.94
CA GLU A 273 -26.25 -25.06 -11.36
C GLU A 273 -25.15 -25.80 -12.09
N PHE A 274 -24.13 -26.27 -11.38
CA PHE A 274 -23.13 -27.16 -11.97
C PHE A 274 -23.15 -28.49 -11.23
N SER A 275 -24.34 -29.05 -11.02
CA SER A 275 -24.44 -30.33 -10.33
C SER A 275 -24.11 -31.50 -11.24
N PHE A 276 -24.10 -31.27 -12.55
CA PHE A 276 -23.82 -32.33 -13.52
C PHE A 276 -22.34 -32.65 -13.66
N ILE A 277 -21.45 -31.73 -13.28
CA ILE A 277 -20.02 -31.97 -13.42
C ILE A 277 -19.55 -32.81 -12.25
N PRO A 278 -18.43 -33.55 -12.38
CA PRO A 278 -17.97 -34.43 -11.29
C PRO A 278 -17.80 -33.71 -9.95
N SER A 279 -17.87 -34.47 -8.85
CA SER A 279 -17.79 -33.88 -7.52
C SER A 279 -16.44 -33.23 -7.28
N ALA A 280 -15.35 -33.94 -7.62
CA ALA A 280 -14.03 -33.36 -7.45
C ALA A 280 -13.84 -32.13 -8.33
N ALA A 281 -14.45 -32.12 -9.51
CA ALA A 281 -14.39 -30.94 -10.36
C ALA A 281 -15.24 -29.81 -9.80
N LEU A 282 -16.43 -30.14 -9.29
CA LEU A 282 -17.28 -29.13 -8.67
C LEU A 282 -16.67 -28.55 -7.39
N ASP A 283 -15.94 -29.38 -6.63
CA ASP A 283 -15.31 -28.88 -5.41
C ASP A 283 -14.17 -27.94 -5.75
N LEU A 284 -13.46 -28.20 -6.84
CA LEU A 284 -12.39 -27.30 -7.29
C LEU A 284 -12.97 -26.02 -7.88
N LEU A 285 -14.09 -26.12 -8.60
CA LEU A 285 -14.68 -24.95 -9.20
C LEU A 285 -15.21 -23.98 -8.16
N ASP A 286 -15.79 -24.51 -7.07
CA ASP A 286 -16.25 -23.66 -5.98
C ASP A 286 -15.09 -22.94 -5.32
N HIS A 287 -13.97 -23.63 -5.12
CA HIS A 287 -12.82 -23.03 -4.45
C HIS A 287 -12.14 -21.99 -5.34
N MET A 288 -12.27 -22.13 -6.65
CA MET A 288 -11.66 -21.19 -7.59
C MET A 288 -12.58 -20.04 -7.97
N LEU A 289 -13.89 -20.17 -7.72
CA LEU A 289 -14.84 -19.11 -8.04
C LEU A 289 -15.36 -18.43 -6.78
N THR A 290 -14.58 -18.45 -5.71
CA THR A 290 -14.96 -17.75 -4.48
C THR A 290 -14.89 -16.25 -4.68
N LEU A 291 -15.83 -15.54 -4.05
CA LEU A 291 -15.93 -14.10 -4.20
C LEU A 291 -14.69 -13.40 -3.65
N ASP A 292 -14.35 -13.69 -2.40
CA ASP A 292 -13.23 -13.07 -1.70
C ASP A 292 -11.90 -13.57 -2.26
N PRO A 293 -11.08 -12.71 -2.89
CA PRO A 293 -9.79 -13.19 -3.39
C PRO A 293 -8.83 -13.63 -2.30
N SER A 294 -9.05 -13.21 -1.06
CA SER A 294 -8.24 -13.72 0.05
C SER A 294 -8.60 -15.17 0.37
N LYS A 295 -9.82 -15.58 0.04
CA LYS A 295 -10.29 -16.94 0.25
C LYS A 295 -10.27 -17.77 -1.04
N ARG A 296 -9.67 -17.25 -2.10
CA ARG A 296 -9.67 -17.93 -3.38
C ARG A 296 -8.51 -18.91 -3.47
N CYS A 297 -8.68 -19.92 -4.33
CA CYS A 297 -7.68 -20.96 -4.49
C CYS A 297 -6.37 -20.38 -5.01
N THR A 298 -5.26 -20.92 -4.53
CA THR A 298 -3.94 -20.62 -5.06
C THR A 298 -3.62 -21.60 -6.19
N ALA A 299 -2.94 -21.10 -7.22
CA ALA A 299 -2.56 -21.96 -8.35
C ALA A 299 -1.80 -23.19 -7.88
N GLU A 300 -1.03 -23.08 -6.80
CA GLU A 300 -0.29 -24.23 -6.30
C GLU A 300 -1.23 -25.27 -5.71
N GLN A 301 -2.26 -24.82 -4.98
CA GLN A 301 -3.20 -25.75 -4.35
C GLN A 301 -4.33 -26.16 -5.27
N THR A 302 -4.44 -25.57 -6.47
CA THR A 302 -5.37 -26.10 -7.46
C THR A 302 -4.93 -27.47 -7.96
N LEU A 303 -3.62 -27.73 -7.95
CA LEU A 303 -3.05 -29.00 -8.34
C LEU A 303 -2.98 -29.99 -7.19
N GLN A 304 -3.47 -29.59 -6.02
CA GLN A 304 -3.59 -30.46 -4.85
C GLN A 304 -5.03 -30.82 -4.57
N SER A 305 -5.95 -30.38 -5.42
CA SER A 305 -7.35 -30.75 -5.28
C SER A 305 -7.54 -32.22 -5.64
N ASP A 306 -8.69 -32.76 -5.22
CA ASP A 306 -9.02 -34.13 -5.56
C ASP A 306 -9.16 -34.32 -7.07
N PHE A 307 -9.42 -33.25 -7.81
CA PHE A 307 -9.59 -33.33 -9.26
C PHE A 307 -8.27 -33.38 -10.01
N LEU A 308 -7.17 -32.93 -9.39
CA LEU A 308 -5.88 -32.89 -10.07
C LEU A 308 -4.75 -33.53 -9.25
N LYS A 309 -5.07 -34.26 -8.19
CA LYS A 309 -4.03 -34.83 -7.33
C LYS A 309 -3.26 -35.95 -8.05
N ASP A 310 -3.97 -36.97 -8.51
CA ASP A 310 -3.31 -38.14 -9.10
C ASP A 310 -3.54 -38.20 -10.59
N VAL A 311 -3.21 -37.14 -11.31
CA VAL A 311 -3.43 -37.10 -12.76
C VAL A 311 -2.06 -37.09 -13.42
N GLU A 312 -1.51 -38.27 -13.67
CA GLU A 312 -0.26 -38.44 -14.37
C GLU A 312 -0.49 -38.30 -15.87
N LEU A 313 0.14 -37.31 -16.50
CA LEU A 313 -0.18 -36.99 -17.89
C LEU A 313 0.34 -38.03 -18.85
N SER A 314 1.43 -38.73 -18.52
CA SER A 314 1.98 -39.71 -19.44
C SER A 314 1.02 -40.86 -19.67
N LYS A 315 0.04 -41.04 -18.79
CA LYS A 315 -1.00 -42.07 -18.92
C LYS A 315 -2.29 -41.51 -19.50
N MET A 316 -2.20 -40.54 -20.43
CA MET A 316 -3.37 -39.93 -21.04
C MET A 316 -3.28 -40.03 -22.55
N ALA A 317 -4.38 -39.66 -23.21
CA ALA A 317 -4.49 -39.73 -24.66
C ALA A 317 -5.02 -38.40 -25.21
N PRO A 318 -4.52 -37.97 -26.36
CA PRO A 318 -5.01 -36.72 -26.97
C PRO A 318 -6.49 -36.82 -27.29
N PRO A 319 -7.17 -35.67 -27.39
CA PRO A 319 -8.62 -35.69 -27.63
C PRO A 319 -9.00 -35.69 -29.10
N ASP A 320 -10.31 -35.64 -29.37
CA ASP A 320 -10.84 -35.53 -30.72
C ASP A 320 -10.64 -34.09 -31.22
N LEU A 321 -9.43 -33.83 -31.71
CA LEU A 321 -9.08 -32.52 -32.24
C LEU A 321 -9.17 -32.57 -33.75
N PRO A 322 -10.01 -31.75 -34.39
CA PRO A 322 -10.12 -31.83 -35.85
C PRO A 322 -8.92 -31.25 -36.56
N HIS A 323 -8.91 -31.31 -37.89
CA HIS A 323 -7.79 -30.81 -38.67
C HIS A 323 -8.17 -29.79 -39.74
N TRP A 324 -9.45 -29.53 -39.96
CA TRP A 324 -9.81 -28.54 -40.96
C TRP A 324 -11.11 -27.88 -40.53
N GLN A 325 -11.24 -26.60 -40.88
CA GLN A 325 -12.41 -25.80 -40.54
C GLN A 325 -12.78 -24.93 -41.72
N ASP A 326 -14.07 -24.65 -41.85
CA ASP A 326 -14.50 -23.61 -42.78
C ASP A 326 -13.99 -22.30 -42.18
N CYS A 327 -12.67 -22.15 -42.20
CA CYS A 327 -11.94 -21.07 -41.49
C CYS A 327 -11.98 -19.79 -42.34
N THR B 22 20.18 -19.62 -24.82
CA THR B 22 19.49 -18.50 -25.44
C THR B 22 19.99 -17.18 -24.84
N LYS B 23 20.64 -17.27 -23.67
CA LYS B 23 21.17 -16.08 -23.01
C LYS B 23 22.60 -15.87 -23.47
N PRO B 24 22.89 -14.80 -24.21
CA PRO B 24 24.25 -14.59 -24.72
C PRO B 24 25.21 -14.11 -23.63
N CYS B 25 26.50 -14.25 -23.93
CA CYS B 25 27.55 -13.82 -23.01
C CYS B 25 27.93 -12.37 -23.31
N TRP B 26 27.89 -11.53 -22.27
CA TRP B 26 28.15 -10.12 -22.44
C TRP B 26 29.37 -9.68 -21.64
N TYR B 27 30.46 -10.44 -21.72
CA TYR B 27 31.68 -10.11 -21.00
C TYR B 27 32.87 -10.49 -21.86
N TRP B 28 33.89 -9.62 -21.83
CA TRP B 28 35.09 -9.79 -22.64
C TRP B 28 36.32 -9.77 -21.75
N ASP B 29 37.38 -10.40 -22.25
CA ASP B 29 38.69 -10.29 -21.63
C ASP B 29 39.28 -8.91 -21.91
N LYS B 30 40.37 -8.59 -21.22
CA LYS B 30 41.09 -7.37 -21.55
C LYS B 30 41.84 -7.51 -22.87
N LYS B 31 42.13 -8.73 -23.30
CA LYS B 31 42.65 -8.94 -24.65
C LYS B 31 41.56 -8.71 -25.70
N ASP B 32 40.34 -9.18 -25.42
CA ASP B 32 39.23 -8.92 -26.34
C ASP B 32 38.89 -7.43 -26.36
N LEU B 33 38.97 -6.77 -25.22
CA LEU B 33 38.71 -5.34 -25.15
C LEU B 33 39.82 -4.51 -25.79
N ALA B 34 40.95 -5.12 -26.13
CA ALA B 34 42.01 -4.45 -26.88
C ALA B 34 41.90 -4.68 -28.38
N HIS B 35 40.87 -5.39 -28.84
CA HIS B 35 40.64 -5.68 -30.25
C HIS B 35 39.19 -5.38 -30.63
N THR B 36 38.64 -4.30 -30.09
CA THR B 36 37.30 -3.88 -30.44
C THR B 36 37.25 -3.46 -31.90
N PRO B 37 36.06 -3.45 -32.51
CA PRO B 37 35.96 -3.00 -33.90
C PRO B 37 36.56 -1.63 -34.16
N SER B 38 36.62 -0.77 -33.14
CA SER B 38 37.24 0.53 -33.33
C SER B 38 38.75 0.41 -33.47
N GLN B 39 39.37 -0.48 -32.69
CA GLN B 39 40.82 -0.65 -32.78
C GLN B 39 41.21 -1.26 -34.13
N LEU B 40 40.44 -2.22 -34.62
CA LEU B 40 40.75 -2.86 -35.89
C LEU B 40 40.70 -1.86 -37.04
N GLU B 41 39.77 -0.91 -36.98
CA GLU B 41 39.68 0.14 -37.99
C GLU B 41 40.71 1.24 -37.80
N GLY B 42 41.62 1.08 -36.85
CA GLY B 42 42.76 1.97 -36.72
C GLY B 42 42.66 3.02 -35.63
N LEU B 43 41.65 2.98 -34.78
CA LEU B 43 41.49 3.99 -33.75
C LEU B 43 42.40 3.70 -32.56
N ASP B 44 42.85 4.76 -31.92
CA ASP B 44 43.75 4.66 -30.79
C ASP B 44 42.97 4.19 -29.55
N PRO B 45 43.57 3.31 -28.73
CA PRO B 45 42.87 2.85 -27.52
C PRO B 45 42.47 3.98 -26.59
N ALA B 46 43.35 4.94 -26.35
CA ALA B 46 42.97 6.09 -25.51
C ALA B 46 41.92 6.95 -26.19
N THR B 47 41.85 6.92 -27.52
CA THR B 47 40.82 7.68 -28.21
C THR B 47 39.47 6.97 -28.08
N GLU B 48 39.46 5.64 -28.17
CA GLU B 48 38.22 4.92 -27.95
C GLU B 48 37.76 5.06 -26.51
N ALA B 49 38.69 5.03 -25.56
CA ALA B 49 38.33 5.19 -24.15
C ALA B 49 37.72 6.56 -23.88
N ARG B 50 38.15 7.59 -24.61
CA ARG B 50 37.55 8.91 -24.45
C ARG B 50 36.20 8.97 -25.14
N TYR B 51 36.07 8.30 -26.29
CA TYR B 51 34.77 8.21 -26.95
C TYR B 51 33.74 7.54 -26.05
N ARG B 52 34.14 6.50 -25.32
CA ARG B 52 33.21 5.87 -24.39
C ARG B 52 32.91 6.78 -23.21
N ARG B 53 33.91 7.54 -22.74
CA ARG B 53 33.68 8.50 -21.67
C ARG B 53 32.74 9.60 -22.12
N GLU B 54 33.03 10.20 -23.28
CA GLU B 54 32.16 11.24 -23.81
C GLU B 54 30.75 10.72 -24.06
N GLY B 55 30.62 9.51 -24.60
CA GLY B 55 29.30 8.98 -24.90
C GLY B 55 28.52 8.58 -23.67
N ALA B 56 29.17 7.91 -22.71
CA ALA B 56 28.47 7.47 -21.50
C ALA B 56 28.05 8.66 -20.64
N ARG B 57 28.91 9.68 -20.55
CA ARG B 57 28.57 10.88 -19.80
C ARG B 57 27.57 11.76 -20.54
N PHE B 58 27.32 11.47 -21.82
CA PHE B 58 26.27 12.15 -22.56
C PHE B 58 24.91 11.55 -22.24
N ILE B 59 24.84 10.22 -22.17
CA ILE B 59 23.61 9.57 -21.74
C ILE B 59 23.34 9.88 -20.28
N PHE B 60 24.37 10.23 -19.53
CA PHE B 60 24.22 10.59 -18.12
C PHE B 60 23.65 12.00 -17.99
N ASP B 61 24.26 12.97 -18.68
CA ASP B 61 23.80 14.35 -18.60
C ASP B 61 22.40 14.51 -19.16
N VAL B 62 22.09 13.82 -20.26
CA VAL B 62 20.76 13.91 -20.85
C VAL B 62 19.72 13.29 -19.94
N GLY B 63 20.05 12.15 -19.32
CA GLY B 63 19.07 11.45 -18.51
C GLY B 63 18.63 12.21 -17.26
N THR B 64 19.57 12.87 -16.58
CA THR B 64 19.20 13.61 -15.38
C THR B 64 18.35 14.82 -15.72
N ARG B 65 18.67 15.51 -16.82
CA ARG B 65 17.90 16.68 -17.21
C ARG B 65 16.45 16.32 -17.49
N LEU B 66 16.19 15.11 -17.97
CA LEU B 66 14.82 14.65 -18.13
C LEU B 66 14.28 13.96 -16.88
N GLY B 67 15.06 13.87 -15.81
CA GLY B 67 14.56 13.28 -14.59
C GLY B 67 14.42 11.78 -14.65
N LEU B 68 15.34 11.09 -15.29
CA LEU B 68 15.31 9.63 -15.40
C LEU B 68 16.01 8.97 -14.21
N HIS B 69 15.73 7.69 -14.05
CA HIS B 69 16.08 6.95 -12.84
C HIS B 69 17.39 6.21 -13.06
N TYR B 70 18.12 5.98 -11.95
CA TYR B 70 19.51 5.59 -12.07
C TYR B 70 19.69 4.27 -12.82
N ASP B 71 18.69 3.39 -12.77
CA ASP B 71 18.76 2.19 -13.62
C ASP B 71 18.58 2.55 -15.09
N THR B 72 17.75 3.55 -15.39
CA THR B 72 17.49 3.89 -16.78
C THR B 72 18.72 4.49 -17.45
N LEU B 73 19.45 5.35 -16.73
CA LEU B 73 20.71 5.88 -17.26
C LEU B 73 21.73 4.75 -17.42
N ALA B 74 21.87 3.90 -16.41
CA ALA B 74 22.86 2.83 -16.48
C ALA B 74 22.54 1.82 -17.56
N THR B 75 21.25 1.57 -17.82
CA THR B 75 20.88 0.64 -18.88
C THR B 75 21.23 1.21 -20.25
N GLY B 76 21.03 2.51 -20.46
CA GLY B 76 21.44 3.12 -21.71
C GLY B 76 22.93 3.08 -21.91
N ILE B 77 23.70 3.27 -20.85
CA ILE B 77 25.15 3.24 -20.96
C ILE B 77 25.63 1.82 -21.25
N ILE B 78 24.98 0.82 -20.64
CA ILE B 78 25.37 -0.56 -20.89
C ILE B 78 25.12 -0.92 -22.35
N TYR B 79 23.96 -0.53 -22.88
CA TYR B 79 23.70 -0.67 -24.32
C TYR B 79 24.79 0.01 -25.13
N PHE B 80 25.28 1.16 -24.66
CA PHE B 80 26.27 1.93 -25.41
C PHE B 80 27.60 1.20 -25.51
N HIS B 81 28.09 0.67 -24.38
CA HIS B 81 29.37 -0.04 -24.38
C HIS B 81 29.28 -1.34 -25.17
N ARG B 82 28.13 -2.02 -25.11
CA ARG B 82 27.97 -3.25 -25.86
C ARG B 82 27.82 -2.99 -27.35
N PHE B 83 27.18 -1.88 -27.73
CA PHE B 83 27.02 -1.54 -29.14
C PHE B 83 28.35 -1.40 -29.84
N TYR B 84 29.37 -0.90 -29.12
CA TYR B 84 30.69 -0.68 -29.71
C TYR B 84 31.64 -1.83 -29.46
N MET B 85 31.11 -3.00 -29.09
CA MET B 85 31.82 -4.26 -29.23
C MET B 85 31.52 -4.95 -30.55
N PHE B 86 30.52 -4.46 -31.29
CA PHE B 86 30.16 -4.99 -32.58
C PHE B 86 30.17 -3.94 -33.68
N HIS B 87 30.41 -2.68 -33.34
CA HIS B 87 30.51 -1.60 -34.31
C HIS B 87 31.62 -0.65 -33.87
N SER B 88 32.28 -0.03 -34.84
CA SER B 88 33.37 0.90 -34.57
C SER B 88 32.85 2.33 -34.56
N PHE B 89 33.54 3.18 -33.78
CA PHE B 89 33.18 4.59 -33.73
C PHE B 89 33.43 5.30 -35.06
N LYS B 90 34.31 4.77 -35.90
CA LYS B 90 34.56 5.36 -37.22
C LYS B 90 33.39 5.17 -38.17
N GLN B 91 32.37 4.41 -37.78
CA GLN B 91 31.19 4.19 -38.60
C GLN B 91 29.91 4.69 -37.96
N PHE B 92 29.83 4.72 -36.63
CA PHE B 92 28.63 5.13 -35.92
C PHE B 92 28.97 6.24 -34.94
N PRO B 93 28.44 7.45 -35.10
CA PRO B 93 28.75 8.52 -34.16
C PRO B 93 28.33 8.16 -32.74
N ARG B 94 29.13 8.62 -31.77
CA ARG B 94 28.93 8.18 -30.40
C ARG B 94 27.67 8.77 -29.80
N TYR B 95 27.37 10.04 -30.09
CA TYR B 95 26.26 10.71 -29.42
C TYR B 95 24.91 10.28 -29.99
N VAL B 96 24.83 10.04 -31.30
CA VAL B 96 23.59 9.53 -31.87
C VAL B 96 23.27 8.16 -31.29
N THR B 97 24.29 7.31 -31.16
CA THR B 97 24.10 6.01 -30.53
C THR B 97 23.75 6.19 -29.06
N GLY B 98 24.41 7.13 -28.38
CA GLY B 98 24.11 7.38 -26.97
C GLY B 98 22.66 7.80 -26.77
N ALA B 99 22.19 8.76 -27.56
CA ALA B 99 20.79 9.17 -27.46
C ALA B 99 19.85 8.04 -27.81
N CYS B 100 20.26 7.17 -28.74
CA CYS B 100 19.42 6.03 -29.11
C CYS B 100 19.36 5.01 -27.98
N CYS B 101 20.50 4.74 -27.33
CA CYS B 101 20.51 3.78 -26.23
C CYS B 101 19.66 4.26 -25.07
N LEU B 102 19.72 5.55 -24.75
CA LEU B 102 18.89 6.07 -23.67
C LEU B 102 17.41 5.98 -24.01
N PHE B 103 17.06 6.26 -25.28
CA PHE B 103 15.67 6.15 -25.70
C PHE B 103 15.15 4.73 -25.58
N LEU B 104 16.00 3.74 -25.86
CA LEU B 104 15.60 2.35 -25.70
C LEU B 104 15.57 1.96 -24.22
N ALA B 105 16.49 2.50 -23.41
CA ALA B 105 16.55 2.15 -22.01
C ALA B 105 15.32 2.65 -21.25
N GLY B 106 14.71 3.74 -21.71
CA GLY B 106 13.52 4.25 -21.06
C GLY B 106 12.33 3.32 -21.19
N LYS B 107 12.18 2.69 -22.37
CA LYS B 107 11.07 1.77 -22.56
C LYS B 107 11.28 0.48 -21.79
N VAL B 108 12.50 -0.05 -21.80
CA VAL B 108 12.78 -1.32 -21.12
C VAL B 108 12.62 -1.16 -19.61
N GLU B 109 13.12 -0.07 -19.04
CA GLU B 109 13.02 0.20 -17.61
C GLU B 109 11.69 0.85 -17.21
N GLU B 110 10.76 0.98 -18.15
CA GLU B 110 9.39 1.46 -17.87
C GLU B 110 9.39 2.91 -17.40
N THR B 111 10.33 3.70 -17.90
CA THR B 111 10.35 5.15 -17.68
C THR B 111 10.59 5.82 -19.02
N PRO B 112 9.62 5.75 -19.94
CA PRO B 112 9.90 6.16 -21.32
C PRO B 112 9.87 7.67 -21.46
N LYS B 113 10.85 8.18 -22.22
CA LYS B 113 10.89 9.58 -22.60
C LYS B 113 10.78 9.67 -24.12
N LYS B 114 10.04 10.68 -24.59
CA LYS B 114 9.90 10.88 -26.02
C LYS B 114 11.27 11.16 -26.63
N CYS B 115 11.49 10.62 -27.83
CA CYS B 115 12.75 10.87 -28.52
C CYS B 115 12.93 12.35 -28.84
N LYS B 116 11.83 13.06 -29.12
CA LYS B 116 11.89 14.48 -29.40
C LYS B 116 12.43 15.25 -28.21
N ASP B 117 12.14 14.79 -26.99
CA ASP B 117 12.67 15.44 -25.81
C ASP B 117 14.15 15.14 -25.62
N ILE B 118 14.58 13.93 -25.97
CA ILE B 118 15.98 13.56 -25.80
C ILE B 118 16.85 14.40 -26.72
N ILE B 119 16.36 14.68 -27.91
CA ILE B 119 17.14 15.46 -28.88
C ILE B 119 17.10 16.95 -28.54
N LYS B 120 15.93 17.47 -28.17
CA LYS B 120 15.87 18.84 -27.69
C LYS B 120 16.79 19.04 -26.50
N THR B 121 16.90 18.01 -25.65
CA THR B 121 17.90 18.02 -24.58
C THR B 121 19.31 17.84 -25.14
N ALA B 122 19.49 16.87 -26.05
CA ALA B 122 20.82 16.64 -26.62
C ALA B 122 21.36 17.89 -27.29
N ARG B 123 20.49 18.65 -27.97
CA ARG B 123 20.92 19.88 -28.60
C ARG B 123 21.31 20.93 -27.57
N SER B 124 20.75 20.84 -26.36
CA SER B 124 21.02 21.83 -25.33
C SER B 124 22.33 21.60 -24.59
N LEU B 125 22.95 20.42 -24.74
CA LEU B 125 24.21 20.13 -24.05
C LEU B 125 25.42 19.98 -24.98
N LEU B 126 25.22 19.76 -26.27
CA LEU B 126 26.33 19.52 -27.19
C LEU B 126 26.66 20.78 -28.01
N ASN B 127 27.77 20.69 -28.73
CA ASN B 127 28.27 21.77 -29.57
C ASN B 127 27.51 21.84 -30.87
N ASP B 128 27.93 22.78 -31.73
CA ASP B 128 27.45 22.81 -33.10
C ASP B 128 28.07 21.68 -33.90
N VAL B 129 29.32 21.31 -33.59
CA VAL B 129 29.97 20.19 -34.25
C VAL B 129 29.63 18.86 -33.59
N GLN B 130 29.37 18.87 -32.28
CA GLN B 130 28.97 17.63 -31.61
C GLN B 130 27.57 17.23 -32.03
N PHE B 131 26.63 18.18 -32.03
CA PHE B 131 25.28 17.88 -32.50
C PHE B 131 25.23 17.70 -34.00
N GLY B 132 26.29 18.10 -34.73
CA GLY B 132 26.36 17.88 -36.15
C GLY B 132 26.33 16.41 -36.53
N GLN B 133 26.67 15.52 -35.60
CA GLN B 133 26.58 14.09 -35.89
C GLN B 133 25.15 13.64 -36.12
N PHE B 134 24.17 14.40 -35.63
CA PHE B 134 22.77 14.04 -35.75
C PHE B 134 22.18 14.32 -37.13
N GLY B 135 22.88 15.07 -37.99
CA GLY B 135 22.42 15.30 -39.35
C GLY B 135 21.32 16.35 -39.43
N ASP B 136 20.62 16.33 -40.57
CA ASP B 136 19.54 17.29 -40.78
C ASP B 136 18.26 16.86 -40.06
N ASP B 137 17.98 15.55 -40.01
CA ASP B 137 16.84 15.04 -39.26
C ASP B 137 17.37 14.23 -38.07
N PRO B 138 17.67 14.86 -36.94
CA PRO B 138 18.21 14.11 -35.80
C PRO B 138 17.26 13.05 -35.28
N LYS B 139 15.95 13.26 -35.40
CA LYS B 139 14.99 12.30 -34.87
C LYS B 139 15.07 10.98 -35.62
N GLU B 140 14.91 11.01 -36.94
CA GLU B 140 14.95 9.78 -37.71
C GLU B 140 16.31 9.11 -37.60
N GLU B 141 17.38 9.91 -37.60
CA GLU B 141 18.72 9.34 -37.47
C GLU B 141 18.84 8.50 -36.19
N VAL B 142 18.13 8.90 -35.13
CA VAL B 142 18.09 8.07 -33.93
C VAL B 142 17.12 6.89 -34.10
N MET B 143 16.02 7.09 -34.83
CA MET B 143 15.05 6.01 -35.01
C MET B 143 15.61 4.86 -35.82
N VAL B 144 16.32 5.15 -36.91
CA VAL B 144 16.84 4.05 -37.73
C VAL B 144 17.89 3.25 -36.96
N LEU B 145 18.58 3.90 -36.02
CA LEU B 145 19.61 3.19 -35.24
C LEU B 145 19.02 2.24 -34.21
N GLU B 146 17.74 2.41 -33.85
CA GLU B 146 17.12 1.52 -32.86
C GLU B 146 17.08 0.08 -33.37
N ARG B 147 16.87 -0.10 -34.68
CA ARG B 147 16.89 -1.45 -35.23
C ARG B 147 18.28 -2.06 -35.13
N ILE B 148 19.31 -1.26 -35.42
CA ILE B 148 20.67 -1.78 -35.36
C ILE B 148 21.05 -2.11 -33.92
N LEU B 149 20.61 -1.28 -32.97
CA LEU B 149 20.95 -1.50 -31.58
C LEU B 149 20.25 -2.74 -31.03
N LEU B 150 18.97 -2.92 -31.39
CA LEU B 150 18.22 -4.07 -30.89
C LEU B 150 18.83 -5.38 -31.36
N GLN B 151 19.20 -5.46 -32.64
CA GLN B 151 19.89 -6.65 -33.12
C GLN B 151 21.26 -6.81 -32.47
N THR B 152 21.95 -5.69 -32.24
CA THR B 152 23.28 -5.76 -31.65
C THR B 152 23.23 -6.26 -30.21
N ILE B 153 22.23 -5.82 -29.43
CA ILE B 153 22.10 -6.28 -28.06
C ILE B 153 21.38 -7.63 -28.03
N LYS B 154 21.15 -8.21 -29.21
CA LYS B 154 20.53 -9.53 -29.34
C LYS B 154 19.17 -9.61 -28.65
N PHE B 155 18.50 -8.47 -28.49
CA PHE B 155 17.23 -8.36 -27.78
C PHE B 155 17.33 -8.83 -26.33
N ASP B 156 18.52 -8.82 -25.75
CA ASP B 156 18.69 -9.14 -24.33
C ASP B 156 18.54 -7.82 -23.56
N LEU B 157 17.28 -7.45 -23.31
CA LEU B 157 16.97 -6.12 -22.81
C LEU B 157 17.20 -5.95 -21.31
N GLN B 158 16.89 -6.97 -20.52
CA GLN B 158 16.99 -6.89 -19.06
C GLN B 158 18.44 -6.95 -18.62
N VAL B 159 18.86 -5.97 -17.82
CA VAL B 159 20.21 -5.96 -17.24
C VAL B 159 20.13 -5.51 -15.79
N GLU B 160 21.14 -5.91 -15.03
CA GLU B 160 21.26 -5.56 -13.62
C GLU B 160 22.47 -4.64 -13.44
N HIS B 161 22.36 -3.70 -12.53
CA HIS B 161 23.40 -2.72 -12.29
C HIS B 161 23.94 -2.85 -10.87
N PRO B 162 25.17 -2.39 -10.62
CA PRO B 162 25.76 -2.54 -9.28
C PRO B 162 25.02 -1.78 -8.19
N TYR B 163 24.07 -0.90 -8.54
CA TYR B 163 23.38 -0.11 -7.53
C TYR B 163 22.60 -1.01 -6.58
N GLN B 164 21.78 -1.91 -7.13
CA GLN B 164 20.92 -2.74 -6.30
C GLN B 164 21.73 -3.65 -5.40
N PHE B 165 22.87 -4.14 -5.88
CA PHE B 165 23.70 -5.01 -5.05
C PHE B 165 24.47 -4.20 -4.00
N LEU B 166 24.80 -2.95 -4.29
CA LEU B 166 25.40 -2.10 -3.27
C LEU B 166 24.46 -1.90 -2.09
N LEU B 167 23.18 -1.63 -2.36
CA LEU B 167 22.21 -1.50 -1.28
C LEU B 167 21.94 -2.86 -0.63
N LYS B 168 21.82 -3.91 -1.44
CA LYS B 168 21.50 -5.22 -0.91
C LYS B 168 22.59 -5.73 0.03
N TYR B 169 23.86 -5.50 -0.32
CA TYR B 169 24.95 -6.01 0.49
C TYR B 169 25.19 -5.14 1.72
N ALA B 170 25.06 -3.82 1.56
CA ALA B 170 25.27 -2.91 2.69
C ALA B 170 24.19 -3.06 3.76
N LYS B 171 23.00 -3.57 3.40
CA LYS B 171 21.96 -3.76 4.41
C LYS B 171 22.37 -4.79 5.46
N GLN B 172 23.19 -5.77 5.09
CA GLN B 172 23.62 -6.80 6.02
C GLN B 172 24.84 -6.40 6.83
N LEU B 173 25.25 -5.13 6.75
CA LEU B 173 26.37 -4.63 7.54
C LEU B 173 25.82 -3.95 8.79
N LYS B 174 26.20 -4.45 9.95
CA LYS B 174 25.78 -3.88 11.23
C LYS B 174 26.96 -3.18 11.87
N GLY B 175 26.77 -1.92 12.25
CA GLY B 175 27.86 -1.17 12.86
C GLY B 175 27.55 0.30 12.92
N ASP B 176 28.60 1.11 12.76
CA ASP B 176 28.44 2.56 12.80
C ASP B 176 27.56 3.02 11.65
N LYS B 177 26.41 3.60 11.98
CA LYS B 177 25.48 4.03 10.95
C LYS B 177 26.09 5.12 10.08
N ASN B 178 26.84 6.05 10.68
CA ASN B 178 27.46 7.12 9.91
C ASN B 178 28.59 6.60 9.04
N LYS B 179 29.34 5.60 9.52
CA LYS B 179 30.44 5.08 8.71
C LYS B 179 29.92 4.18 7.58
N ILE B 180 28.86 3.42 7.85
CA ILE B 180 28.28 2.59 6.80
C ILE B 180 27.58 3.45 5.77
N GLN B 181 26.89 4.50 6.22
CA GLN B 181 26.20 5.38 5.29
C GLN B 181 27.20 6.15 4.43
N LYS B 182 28.31 6.59 5.03
CA LYS B 182 29.37 7.22 4.26
C LYS B 182 30.01 6.25 3.29
N LEU B 183 30.08 4.98 3.65
CA LEU B 183 30.66 3.97 2.77
C LEU B 183 29.85 3.85 1.48
N VAL B 184 28.54 3.63 1.60
CA VAL B 184 27.69 3.47 0.43
C VAL B 184 27.54 4.77 -0.35
N GLN B 185 27.86 5.91 0.26
CA GLN B 185 27.79 7.18 -0.45
C GLN B 185 28.97 7.33 -1.41
N MET B 186 30.16 6.94 -0.97
CA MET B 186 31.33 6.98 -1.84
C MET B 186 31.33 5.85 -2.85
N ALA B 187 30.84 4.67 -2.46
CA ALA B 187 30.74 3.57 -3.41
C ALA B 187 29.72 3.86 -4.49
N TRP B 188 28.68 4.63 -4.17
CA TRP B 188 27.66 4.97 -5.16
C TRP B 188 28.24 5.82 -6.28
N THR B 189 29.03 6.84 -5.92
CA THR B 189 29.68 7.65 -6.95
C THR B 189 30.69 6.83 -7.74
N PHE B 190 31.32 5.84 -7.10
CA PHE B 190 32.21 4.95 -7.84
C PHE B 190 31.45 4.12 -8.85
N VAL B 191 30.20 3.76 -8.53
CA VAL B 191 29.37 3.09 -9.52
C VAL B 191 29.03 4.04 -10.65
N ASN B 192 28.87 5.33 -10.35
CA ASN B 192 28.67 6.32 -11.40
C ASN B 192 29.89 6.42 -12.30
N ASP B 193 31.08 6.51 -11.69
CA ASP B 193 32.30 6.65 -12.48
C ASP B 193 32.64 5.36 -13.23
N SER B 194 32.30 4.20 -12.67
CA SER B 194 32.60 2.95 -13.35
C SER B 194 31.84 2.82 -14.67
N LEU B 195 30.68 3.49 -14.78
CA LEU B 195 29.89 3.43 -16.01
C LEU B 195 30.58 4.10 -17.19
N CYS B 196 31.61 4.92 -16.96
CA CYS B 196 32.37 5.51 -18.05
C CYS B 196 33.45 4.57 -18.59
N THR B 197 33.67 3.44 -17.94
CA THR B 197 34.68 2.47 -18.35
C THR B 197 34.00 1.20 -18.86
N THR B 198 34.81 0.31 -19.41
CA THR B 198 34.32 -0.98 -19.88
C THR B 198 34.23 -2.01 -18.77
N LEU B 199 34.24 -1.59 -17.51
CA LEU B 199 34.04 -2.53 -16.41
C LEU B 199 32.71 -3.26 -16.55
N SER B 200 31.72 -2.60 -17.14
CA SER B 200 30.45 -3.25 -17.41
C SER B 200 30.63 -4.46 -18.33
N LEU B 201 31.56 -4.37 -19.27
CA LEU B 201 31.85 -5.45 -20.20
C LEU B 201 32.85 -6.45 -19.64
N GLN B 202 33.26 -6.30 -18.38
CA GLN B 202 34.26 -7.16 -17.76
C GLN B 202 33.67 -8.05 -16.67
N TRP B 203 33.01 -7.46 -15.68
CA TRP B 203 32.58 -8.18 -14.51
C TRP B 203 31.08 -8.03 -14.30
N GLU B 204 30.48 -9.04 -13.67
CA GLU B 204 29.07 -9.00 -13.36
C GLU B 204 28.77 -7.86 -12.38
N PRO B 205 27.54 -7.33 -12.38
CA PRO B 205 27.23 -6.21 -11.48
C PRO B 205 27.52 -6.50 -10.02
N GLU B 206 27.43 -7.77 -9.60
CA GLU B 206 27.76 -8.09 -8.22
C GLU B 206 29.24 -7.85 -7.93
N ILE B 207 30.11 -8.11 -8.90
CA ILE B 207 31.54 -7.89 -8.71
C ILE B 207 31.84 -6.40 -8.58
N ILE B 208 31.14 -5.56 -9.35
CA ILE B 208 31.40 -4.12 -9.29
C ILE B 208 30.89 -3.55 -7.97
N ALA B 209 29.76 -4.07 -7.47
CA ALA B 209 29.21 -3.57 -6.21
C ALA B 209 30.15 -3.83 -5.05
N VAL B 210 30.73 -5.03 -4.98
CA VAL B 210 31.69 -5.29 -3.92
C VAL B 210 33.01 -4.55 -4.16
N ALA B 211 33.37 -4.33 -5.43
CA ALA B 211 34.61 -3.61 -5.72
C ALA B 211 34.53 -2.16 -5.24
N VAL B 212 33.40 -1.49 -5.44
CA VAL B 212 33.29 -0.11 -5.01
C VAL B 212 33.19 -0.02 -3.49
N MET B 213 32.69 -1.08 -2.84
CA MET B 213 32.70 -1.13 -1.39
C MET B 213 34.10 -1.40 -0.86
N TYR B 214 34.85 -2.28 -1.53
CA TYR B 214 36.23 -2.52 -1.16
C TYR B 214 37.08 -1.26 -1.36
N LEU B 215 36.84 -0.54 -2.45
CA LEU B 215 37.58 0.70 -2.71
C LEU B 215 37.23 1.77 -1.67
N ALA B 216 35.93 1.98 -1.44
CA ALA B 216 35.51 3.01 -0.49
C ALA B 216 35.94 2.68 0.93
N GLY B 217 36.06 1.39 1.27
CA GLY B 217 36.53 1.01 2.59
C GLY B 217 38.01 1.27 2.81
N ARG B 218 38.78 1.37 1.73
CA ARG B 218 40.20 1.67 1.85
C ARG B 218 40.48 3.17 1.88
N LEU B 219 39.64 3.97 1.23
CA LEU B 219 39.82 5.42 1.23
C LEU B 219 39.34 6.04 2.53
N CYS B 220 38.37 5.42 3.19
CA CYS B 220 37.86 5.89 4.46
C CYS B 220 38.62 5.32 5.65
N LYS B 221 39.59 4.43 5.41
CA LYS B 221 40.29 3.71 6.46
C LYS B 221 39.33 2.88 7.31
N PHE B 222 38.37 2.25 6.64
CA PHE B 222 37.36 1.43 7.30
C PHE B 222 37.70 -0.05 7.18
N GLU B 223 37.36 -0.82 8.22
CA GLU B 223 37.50 -2.27 8.24
C GLU B 223 36.10 -2.87 8.13
N ILE B 224 35.73 -3.31 6.92
CA ILE B 224 34.36 -3.75 6.66
C ILE B 224 34.03 -5.02 7.44
N GLN B 225 34.99 -5.92 7.59
CA GLN B 225 34.68 -7.21 8.24
C GLN B 225 34.23 -7.04 9.68
N GLU B 226 34.61 -5.94 10.35
CA GLU B 226 34.09 -5.69 11.69
C GLU B 226 32.58 -5.43 11.70
N TRP B 227 31.98 -5.21 10.54
CA TRP B 227 30.54 -5.00 10.43
C TRP B 227 29.82 -6.24 9.91
N THR B 228 30.54 -7.35 9.77
CA THR B 228 30.06 -8.64 9.34
C THR B 228 30.19 -9.58 10.53
N SER B 229 30.34 -10.87 10.29
CA SER B 229 30.52 -11.83 11.36
C SER B 229 32.01 -12.09 11.50
N LYS B 230 32.52 -11.87 12.73
CA LYS B 230 33.86 -12.30 13.18
C LYS B 230 34.90 -11.21 12.84
N PRO B 231 36.23 -11.52 12.63
CA PRO B 231 37.22 -10.45 12.38
C PRO B 231 36.78 -9.12 11.79
N ARG B 234 39.83 -10.86 7.28
CA ARG B 234 38.77 -11.69 6.72
C ARG B 234 38.28 -11.14 5.39
N ARG B 235 38.20 -12.02 4.39
CA ARG B 235 37.57 -11.65 3.12
C ARG B 235 36.07 -11.51 3.33
N TRP B 236 35.64 -10.30 3.68
CA TRP B 236 34.26 -10.05 4.09
C TRP B 236 33.25 -10.26 2.97
N TRP B 237 33.69 -10.28 1.71
CA TRP B 237 32.78 -10.41 0.60
C TRP B 237 32.49 -11.85 0.19
N GLU B 238 33.22 -12.83 0.75
CA GLU B 238 32.97 -14.22 0.40
C GLU B 238 31.58 -14.68 0.79
N GLN B 239 30.90 -13.93 1.66
CA GLN B 239 29.52 -14.19 2.02
C GLN B 239 28.53 -13.49 1.07
N PHE B 240 29.00 -12.54 0.27
CA PHE B 240 28.16 -11.88 -0.72
C PHE B 240 28.39 -12.39 -2.14
N VAL B 241 29.63 -12.66 -2.53
CA VAL B 241 29.95 -13.15 -3.87
C VAL B 241 30.93 -14.31 -3.77
N GLN B 242 30.70 -15.34 -4.60
CA GLN B 242 31.50 -16.55 -4.56
C GLN B 242 32.83 -16.36 -5.27
N ASP B 243 33.89 -16.95 -4.70
CA ASP B 243 35.22 -17.04 -5.30
C ASP B 243 35.66 -15.77 -6.01
N VAL B 244 35.88 -14.70 -5.26
CA VAL B 244 36.34 -13.44 -5.83
C VAL B 244 37.73 -13.11 -5.29
N PRO B 245 38.79 -13.51 -6.00
CA PRO B 245 40.14 -13.19 -5.53
C PRO B 245 40.36 -11.69 -5.41
N VAL B 246 41.23 -11.31 -4.47
CA VAL B 246 41.49 -9.90 -4.21
C VAL B 246 42.03 -9.22 -5.46
N ASP B 247 42.86 -9.93 -6.23
CA ASP B 247 43.45 -9.35 -7.44
C ASP B 247 42.37 -8.86 -8.40
N VAL B 248 41.20 -9.49 -8.38
CA VAL B 248 40.08 -9.01 -9.19
C VAL B 248 39.60 -7.67 -8.66
N LEU B 249 39.38 -7.57 -7.35
CA LEU B 249 38.84 -6.33 -6.79
C LEU B 249 39.82 -5.18 -6.92
N GLU B 250 41.12 -5.44 -6.71
CA GLU B 250 42.13 -4.40 -6.86
C GLU B 250 42.31 -3.99 -8.31
N ASP B 251 41.92 -4.83 -9.27
CA ASP B 251 42.00 -4.42 -10.66
C ASP B 251 40.84 -3.50 -11.03
N ILE B 252 39.65 -3.78 -10.50
CA ILE B 252 38.51 -2.89 -10.72
C ILE B 252 38.78 -1.53 -10.07
N CYS B 253 39.43 -1.52 -8.92
CA CYS B 253 39.71 -0.26 -8.23
C CYS B 253 40.65 0.60 -9.04
N HIS B 254 41.64 0.00 -9.70
CA HIS B 254 42.59 0.74 -10.51
C HIS B 254 41.89 1.51 -11.63
N GLN B 255 41.01 0.83 -12.37
CA GLN B 255 40.36 1.45 -13.50
C GLN B 255 39.38 2.54 -13.07
N ILE B 256 38.85 2.45 -11.86
CA ILE B 256 38.02 3.54 -11.34
C ILE B 256 38.87 4.71 -10.90
N LEU B 257 39.99 4.44 -10.21
CA LEU B 257 40.87 5.51 -9.75
C LEU B 257 41.56 6.21 -10.92
N ASP B 258 41.85 5.50 -12.01
CA ASP B 258 42.49 6.11 -13.16
C ASP B 258 41.63 7.20 -13.81
N LEU B 259 40.32 7.18 -13.58
CA LEU B 259 39.47 8.24 -14.11
C LEU B 259 39.80 9.59 -13.52
N TYR B 260 40.47 9.63 -12.37
CA TYR B 260 40.85 10.88 -11.71
C TYR B 260 42.28 11.29 -12.02
N SER B 261 42.92 10.65 -13.00
CA SER B 261 44.27 11.01 -13.40
C SER B 261 44.26 11.98 -14.57
N THR C 3 -12.09 12.71 40.26
CA THR C 3 -12.25 11.42 39.59
C THR C 3 -13.28 11.51 38.47
N GLU C 4 -13.54 12.74 38.02
CA GLU C 4 -14.54 12.97 36.98
C GLU C 4 -14.00 12.53 35.63
N SER C 5 -14.73 11.63 34.96
CA SER C 5 -14.43 11.31 33.59
C SER C 5 -15.06 12.35 32.66
N ASP C 6 -14.68 12.29 31.38
CA ASP C 6 -15.28 13.19 30.40
C ASP C 6 -16.77 12.85 30.25
N TRP C 7 -17.64 13.57 30.97
CA TRP C 7 -19.07 13.26 30.97
C TRP C 7 -19.91 14.21 30.12
N GLY C 8 -19.85 15.51 30.37
CA GLY C 8 -20.69 16.45 29.66
C GLY C 8 -21.93 16.89 30.42
N LYS C 9 -22.20 16.31 31.58
CA LYS C 9 -23.39 16.68 32.34
C LYS C 9 -23.14 17.94 33.18
N ARG C 10 -21.94 18.08 33.72
CA ARG C 10 -21.57 19.27 34.48
C ARG C 10 -21.54 20.51 33.58
N CYS C 11 -21.79 21.66 34.19
CA CYS C 11 -21.89 22.95 33.49
C CYS C 11 -20.59 23.74 33.61
N VAL C 12 -20.40 24.67 32.67
CA VAL C 12 -19.21 25.51 32.68
C VAL C 12 -19.26 26.57 33.77
N ASP C 13 -20.47 26.92 34.24
CA ASP C 13 -20.59 27.91 35.31
C ASP C 13 -19.84 27.48 36.58
N LYS C 14 -19.54 26.20 36.72
CA LYS C 14 -18.65 25.74 37.79
C LYS C 14 -17.21 26.15 37.56
N PHE C 15 -16.89 26.72 36.40
CA PHE C 15 -15.57 27.25 36.10
C PHE C 15 -15.70 28.73 35.77
N ASP C 16 -14.62 29.48 36.00
CA ASP C 16 -14.60 30.92 35.76
C ASP C 16 -13.56 31.28 34.72
N ILE C 17 -13.98 31.95 33.65
CA ILE C 17 -13.07 32.37 32.59
C ILE C 17 -12.18 33.50 33.11
N ILE C 18 -10.86 33.27 33.12
CA ILE C 18 -9.89 34.29 33.48
C ILE C 18 -9.52 35.10 32.25
N GLY C 19 -9.01 34.43 31.23
CA GLY C 19 -8.65 35.10 30.00
C GLY C 19 -8.55 34.12 28.85
N ILE C 20 -8.05 34.61 27.72
CA ILE C 20 -7.89 33.80 26.52
C ILE C 20 -6.47 33.24 26.50
N ILE C 21 -6.38 31.90 26.53
CA ILE C 21 -5.08 31.25 26.39
C ILE C 21 -4.62 31.30 24.94
N GLY C 22 -5.52 30.99 24.01
CA GLY C 22 -5.16 31.02 22.61
C GLY C 22 -6.38 30.91 21.74
N GLU C 23 -6.16 30.44 20.52
CA GLU C 23 -7.22 30.23 19.54
C GLU C 23 -7.02 28.85 18.91
N GLY C 24 -7.85 27.90 19.29
CA GLY C 24 -7.78 26.57 18.74
C GLY C 24 -8.52 26.48 17.41
N THR C 25 -8.74 25.24 16.98
CA THR C 25 -9.36 25.01 15.68
C THR C 25 -10.86 25.27 15.71
N TYR C 26 -11.56 24.67 16.68
CA TYR C 26 -13.01 24.81 16.78
C TYR C 26 -13.42 26.07 17.52
N GLY C 27 -12.50 26.67 18.26
CA GLY C 27 -12.81 27.87 19.00
C GLY C 27 -11.58 28.44 19.65
N GLN C 28 -11.80 29.20 20.72
CA GLN C 28 -10.73 29.81 21.50
C GLN C 28 -10.40 28.96 22.71
N VAL C 29 -9.18 29.17 23.24
CA VAL C 29 -8.71 28.50 24.43
C VAL C 29 -8.78 29.49 25.59
N TYR C 30 -9.40 29.08 26.69
CA TYR C 30 -9.68 29.96 27.82
C TYR C 30 -8.98 29.44 29.07
N LYS C 31 -8.34 30.35 29.80
CA LYS C 31 -7.81 30.02 31.12
C LYS C 31 -8.93 30.13 32.15
N ALA C 32 -9.12 29.08 32.93
CA ALA C 32 -10.23 29.03 33.87
C ALA C 32 -9.81 28.37 35.17
N LYS C 33 -10.61 28.60 36.22
CA LYS C 33 -10.37 28.04 37.54
C LYS C 33 -11.65 27.42 38.08
N ASP C 34 -11.51 26.29 38.77
CA ASP C 34 -12.66 25.60 39.34
C ASP C 34 -13.14 26.33 40.59
N LYS C 35 -14.43 26.64 40.64
CA LYS C 35 -15.00 27.39 41.75
C LYS C 35 -15.16 26.58 43.03
N ASP C 36 -15.02 25.26 42.97
CA ASP C 36 -15.17 24.44 44.17
C ASP C 36 -13.85 24.11 44.85
N THR C 37 -12.78 23.93 44.08
CA THR C 37 -11.48 23.56 44.62
C THR C 37 -10.36 24.55 44.28
N GLY C 38 -10.55 25.40 43.29
CA GLY C 38 -9.51 26.33 42.89
C GLY C 38 -8.62 25.85 41.76
N GLU C 39 -8.85 24.65 41.22
CA GLU C 39 -8.00 24.12 40.16
C GLU C 39 -8.04 25.03 38.94
N LEU C 40 -6.87 25.37 38.43
CA LEU C 40 -6.77 26.06 37.16
C LEU C 40 -6.98 25.05 36.03
N VAL C 41 -7.72 25.45 35.01
CA VAL C 41 -8.00 24.59 33.87
C VAL C 41 -7.93 25.39 32.57
N ALA C 42 -7.78 24.67 31.47
CA ALA C 42 -7.85 25.25 30.13
C ALA C 42 -9.10 24.73 29.43
N LEU C 43 -9.87 25.64 28.86
CA LEU C 43 -11.13 25.30 28.20
C LEU C 43 -11.03 25.59 26.71
N LYS C 44 -11.35 24.57 25.91
CA LYS C 44 -11.39 24.70 24.45
C LYS C 44 -12.85 24.78 24.02
N LYS C 45 -13.21 25.90 23.39
CA LYS C 45 -14.60 26.13 22.97
C LYS C 45 -14.91 25.29 21.75
N VAL C 46 -15.89 24.41 21.87
CA VAL C 46 -16.36 23.58 20.76
C VAL C 46 -17.75 24.09 20.42
N ARG C 47 -17.85 24.91 19.38
CA ARG C 47 -19.13 25.48 18.99
C ARG C 47 -19.94 24.38 18.31
N LEU C 48 -20.58 23.59 19.14
CA LEU C 48 -21.55 22.67 18.58
C LEU C 48 -22.73 23.50 18.02
N ASP C 49 -22.53 24.81 17.97
CA ASP C 49 -23.51 25.69 17.42
C ASP C 49 -23.65 25.10 16.06
N ASN C 50 -24.86 24.64 15.77
CA ASN C 50 -25.27 24.01 14.52
C ASN C 50 -24.45 24.23 13.28
N GLU C 51 -24.22 25.49 12.89
CA GLU C 51 -23.50 25.83 11.65
C GLU C 51 -24.15 25.07 10.49
N LYS C 52 -23.68 23.87 10.19
CA LYS C 52 -24.36 23.06 9.21
C LYS C 52 -24.47 21.66 9.76
N GLU C 53 -23.39 21.09 10.26
CA GLU C 53 -23.45 19.72 10.75
C GLU C 53 -23.27 19.38 12.23
N GLY C 54 -23.73 20.24 13.12
CA GLY C 54 -23.66 19.99 14.56
C GLY C 54 -22.26 19.86 15.10
N PHE C 55 -22.10 18.93 16.05
CA PHE C 55 -20.83 18.73 16.72
C PHE C 55 -19.74 18.46 15.68
N PRO C 56 -18.65 19.21 15.69
CA PRO C 56 -17.66 19.09 14.60
C PRO C 56 -17.02 17.71 14.56
N ILE C 57 -16.93 17.15 13.36
CA ILE C 57 -16.23 15.88 13.20
C ILE C 57 -14.75 16.05 13.52
N THR C 58 -14.23 17.27 13.39
CA THR C 58 -12.85 17.52 13.78
C THR C 58 -12.67 17.36 15.28
N ALA C 59 -13.63 17.87 16.07
CA ALA C 59 -13.56 17.77 17.53
C ALA C 59 -13.88 16.37 18.02
N ILE C 60 -14.79 15.66 17.36
CA ILE C 60 -15.07 14.27 17.72
C ILE C 60 -13.81 13.44 17.59
N ARG C 61 -12.99 13.71 16.57
CA ARG C 61 -11.71 13.03 16.43
C ARG C 61 -10.83 13.28 17.65
N GLU C 62 -10.54 14.56 17.93
CA GLU C 62 -9.69 14.90 19.07
C GLU C 62 -10.20 14.27 20.36
N ILE C 63 -11.51 14.14 20.51
CA ILE C 63 -12.07 13.59 21.74
C ILE C 63 -11.75 12.10 21.87
N LYS C 64 -12.09 11.30 20.86
CA LYS C 64 -11.88 9.86 21.00
C LYS C 64 -10.44 9.44 20.82
N ILE C 65 -9.53 10.36 20.47
CA ILE C 65 -8.11 10.04 20.54
C ILE C 65 -7.60 10.22 21.95
N LEU C 66 -7.91 11.37 22.56
CA LEU C 66 -7.40 11.73 23.88
C LEU C 66 -7.99 10.86 24.99
N ARG C 67 -9.08 10.15 24.73
CA ARG C 67 -9.69 9.29 25.73
C ARG C 67 -9.20 7.85 25.66
N GLN C 68 -8.31 7.54 24.72
CA GLN C 68 -7.62 6.25 24.69
C GLN C 68 -6.17 6.33 25.13
N LEU C 69 -5.62 7.53 25.26
CA LEU C 69 -4.23 7.74 25.64
C LEU C 69 -4.17 8.33 27.04
N ILE C 70 -3.53 7.60 27.96
CA ILE C 70 -3.26 8.09 29.31
C ILE C 70 -1.76 7.97 29.56
N HIS C 71 -1.12 9.10 29.85
CA HIS C 71 0.32 9.11 30.05
C HIS C 71 0.72 10.39 30.76
N ARG C 72 1.85 10.34 31.47
CA ARG C 72 2.33 11.52 32.19
C ARG C 72 2.73 12.65 31.24
N SER C 73 3.20 12.31 30.04
CA SER C 73 3.67 13.29 29.08
C SER C 73 2.60 13.65 28.05
N VAL C 74 1.38 13.20 28.25
CA VAL C 74 0.25 13.51 27.38
C VAL C 74 -0.79 14.25 28.20
N VAL C 75 -1.31 15.35 27.67
CA VAL C 75 -2.31 16.12 28.40
C VAL C 75 -3.55 15.26 28.61
N ASN C 76 -4.02 15.21 29.84
CA ASN C 76 -5.20 14.42 30.18
C ASN C 76 -6.43 15.31 30.09
N MET C 77 -7.44 14.86 29.36
CA MET C 77 -8.70 15.59 29.27
C MET C 77 -9.53 15.26 30.51
N LYS C 78 -9.75 16.26 31.36
CA LYS C 78 -10.43 16.01 32.63
C LYS C 78 -11.89 15.65 32.40
N GLU C 79 -12.62 16.48 31.65
CA GLU C 79 -14.05 16.28 31.43
C GLU C 79 -14.47 17.19 30.29
N ILE C 80 -15.75 17.11 29.94
CA ILE C 80 -16.40 18.00 28.99
C ILE C 80 -17.58 18.64 29.71
N VAL C 81 -17.79 19.93 29.48
CA VAL C 81 -18.85 20.67 30.16
C VAL C 81 -19.68 21.42 29.14
N THR C 82 -20.93 21.66 29.49
CA THR C 82 -21.89 22.41 28.69
C THR C 82 -22.26 23.68 29.45
N ASP C 83 -23.26 24.41 28.96
CA ASP C 83 -23.65 25.68 29.58
C ASP C 83 -25.15 25.91 29.52
N LYS C 84 -25.65 26.54 30.58
CA LYS C 84 -27.05 26.97 30.69
C LYS C 84 -27.20 27.87 31.92
N GLY C 95 -26.03 26.80 22.50
CA GLY C 95 -24.84 26.90 23.33
C GLY C 95 -23.60 26.33 22.66
N ALA C 96 -22.69 25.80 23.48
CA ALA C 96 -21.45 25.23 22.98
C ALA C 96 -20.94 24.22 24.01
N PHE C 97 -19.82 23.58 23.68
CA PHE C 97 -19.14 22.67 24.59
C PHE C 97 -17.73 23.17 24.87
N TYR C 98 -17.20 22.76 26.03
CA TYR C 98 -15.88 23.14 26.47
C TYR C 98 -15.12 21.88 26.86
N LEU C 99 -13.91 21.72 26.32
CA LEU C 99 -13.05 20.60 26.67
C LEU C 99 -12.15 21.03 27.82
N VAL C 100 -12.23 20.32 28.94
CA VAL C 100 -11.50 20.68 30.15
C VAL C 100 -10.21 19.88 30.20
N PHE C 101 -9.08 20.59 30.21
CA PHE C 101 -7.76 19.99 30.33
C PHE C 101 -7.07 20.46 31.60
N GLU C 102 -6.14 19.65 32.08
CA GLU C 102 -5.26 20.10 33.16
C GLU C 102 -4.48 21.32 32.69
N TYR C 103 -4.49 22.38 33.49
CA TYR C 103 -3.86 23.62 33.08
C TYR C 103 -2.34 23.49 33.22
N MET C 104 -1.64 23.72 32.12
CA MET C 104 -0.18 23.82 32.14
C MET C 104 0.21 25.29 32.19
N ASP C 105 1.42 25.55 32.67
CA ASP C 105 1.84 26.92 32.92
C ASP C 105 2.57 27.56 31.74
N HIS C 106 3.14 26.78 30.84
CA HIS C 106 3.94 27.36 29.76
C HIS C 106 3.95 26.43 28.55
N ASP C 107 4.23 27.01 27.38
CA ASP C 107 4.58 26.25 26.19
C ASP C 107 6.01 26.56 25.80
N LEU C 108 6.65 25.63 25.09
CA LEU C 108 8.06 25.79 24.77
C LEU C 108 8.30 26.93 23.79
N MET C 109 7.33 27.23 22.93
CA MET C 109 7.51 28.34 21.99
C MET C 109 7.57 29.68 22.72
N GLY C 110 6.61 29.95 23.59
CA GLY C 110 6.58 31.22 24.28
C GLY C 110 7.80 31.49 25.14
N LEU C 111 8.40 30.44 25.71
CA LEU C 111 9.60 30.61 26.51
C LEU C 111 10.79 31.02 25.66
N LEU C 112 10.99 30.31 24.54
CA LEU C 112 12.16 30.58 23.71
C LEU C 112 12.08 31.96 23.07
N GLU C 113 10.89 32.37 22.62
CA GLU C 113 10.74 33.67 22.00
C GLU C 113 10.78 34.80 23.02
N SER C 114 10.62 34.49 24.31
CA SER C 114 10.70 35.54 25.33
C SER C 114 12.15 35.97 25.56
N GLY C 115 13.08 35.02 25.48
CA GLY C 115 14.49 35.31 25.69
C GLY C 115 14.92 35.37 27.14
N LEU C 116 13.99 35.24 28.08
CA LEU C 116 14.30 35.33 29.50
C LEU C 116 14.64 33.98 30.11
N VAL C 117 14.56 32.90 29.36
CA VAL C 117 14.82 31.56 29.87
C VAL C 117 15.99 30.94 29.12
N HIS C 118 16.86 30.25 29.85
CA HIS C 118 17.96 29.51 29.28
C HIS C 118 17.97 28.12 29.88
N PHE C 119 17.91 27.10 29.03
CA PHE C 119 17.79 25.71 29.47
C PHE C 119 19.15 25.03 29.44
N SER C 120 19.53 24.41 30.55
CA SER C 120 20.71 23.58 30.59
C SER C 120 20.45 22.24 29.92
N GLU C 121 21.53 21.51 29.63
CA GLU C 121 21.36 20.18 29.06
C GLU C 121 20.68 19.23 30.04
N ASP C 122 20.86 19.44 31.35
CA ASP C 122 20.08 18.69 32.33
C ASP C 122 18.59 19.00 32.18
N HIS C 123 18.26 20.24 31.85
CA HIS C 123 16.87 20.57 31.54
C HIS C 123 16.45 19.95 30.22
N ILE C 124 17.29 20.06 29.19
CA ILE C 124 16.94 19.53 27.88
C ILE C 124 16.89 18.01 27.91
N LYS C 125 17.83 17.38 28.62
CA LYS C 125 17.77 15.92 28.77
C LYS C 125 16.51 15.49 29.49
N SER C 126 16.11 16.25 30.52
CA SER C 126 14.86 15.96 31.21
C SER C 126 13.67 16.22 30.29
N PHE C 127 13.72 17.29 29.50
CA PHE C 127 12.62 17.59 28.58
C PHE C 127 12.50 16.52 27.50
N MET C 128 13.63 16.10 26.92
CA MET C 128 13.59 15.12 25.85
C MET C 128 13.18 13.75 26.35
N LYS C 129 13.53 13.40 27.59
CA LYS C 129 13.16 12.09 28.11
C LYS C 129 11.65 11.96 28.25
N GLN C 130 10.99 13.00 28.76
CA GLN C 130 9.54 12.94 28.93
C GLN C 130 8.81 12.95 27.60
N LEU C 131 9.22 13.86 26.70
CA LEU C 131 8.52 13.98 25.42
C LEU C 131 8.68 12.72 24.58
N MET C 132 9.89 12.14 24.55
CA MET C 132 10.11 10.89 23.82
C MET C 132 9.40 9.72 24.49
N GLU C 133 9.28 9.73 25.82
CA GLU C 133 8.54 8.65 26.47
C GLU C 133 7.06 8.74 26.17
N GLY C 134 6.52 9.96 26.11
CA GLY C 134 5.12 10.12 25.73
C GLY C 134 4.89 9.79 24.27
N LEU C 135 5.83 10.18 23.40
CA LEU C 135 5.70 9.83 21.99
C LEU C 135 5.87 8.33 21.79
N GLU C 136 6.74 7.69 22.58
CA GLU C 136 6.82 6.24 22.53
C GLU C 136 5.51 5.61 22.95
N TYR C 137 4.84 6.21 23.95
CA TYR C 137 3.52 5.74 24.35
C TYR C 137 2.52 5.89 23.22
N CYS C 138 2.51 7.04 22.55
CA CYS C 138 1.59 7.24 21.43
C CYS C 138 1.95 6.35 20.25
N HIS C 139 3.25 6.16 20.00
CA HIS C 139 3.67 5.31 18.89
C HIS C 139 3.39 3.83 19.19
N LYS C 140 3.56 3.42 20.45
CA LYS C 140 3.23 2.04 20.83
C LYS C 140 1.73 1.77 20.73
N LYS C 141 0.91 2.80 20.92
CA LYS C 141 -0.53 2.74 20.71
C LYS C 141 -0.91 2.97 19.25
N ASN C 142 0.06 2.98 18.35
CA ASN C 142 -0.14 3.16 16.92
C ASN C 142 -0.79 4.52 16.62
N PHE C 143 -0.15 5.59 17.09
CA PHE C 143 -0.70 6.92 16.93
C PHE C 143 0.36 7.91 16.48
N LEU C 144 0.10 8.59 15.37
CA LEU C 144 0.91 9.72 14.94
C LEU C 144 0.32 11.00 15.52
N HIS C 145 1.20 11.92 15.93
CA HIS C 145 0.70 13.20 16.41
C HIS C 145 0.38 14.15 15.25
N ARG C 146 1.27 14.23 14.26
CA ARG C 146 1.04 14.97 13.02
C ARG C 146 0.93 16.47 13.22
N ASP C 147 1.31 16.99 14.39
CA ASP C 147 1.36 18.43 14.60
C ASP C 147 2.32 18.76 15.73
N ILE C 148 3.44 18.05 15.81
CA ILE C 148 4.42 18.31 16.85
C ILE C 148 5.16 19.60 16.52
N LYS C 149 5.14 20.55 17.45
CA LYS C 149 5.86 21.80 17.32
C LYS C 149 6.15 22.32 18.72
N CYS C 150 6.96 23.37 18.80
CA CYS C 150 7.33 23.91 20.10
C CYS C 150 6.14 24.49 20.85
N SER C 151 5.18 25.06 20.12
CA SER C 151 4.00 25.63 20.78
C SER C 151 3.12 24.56 21.40
N ASN C 152 3.16 23.34 20.86
CA ASN C 152 2.35 22.25 21.39
C ASN C 152 3.13 21.37 22.35
N ILE C 153 4.36 21.74 22.70
CA ILE C 153 5.09 21.11 23.78
C ILE C 153 4.85 21.96 25.02
N LEU C 154 4.18 21.39 26.02
CA LEU C 154 3.82 22.12 27.23
C LEU C 154 4.76 21.77 28.38
N LEU C 155 5.11 22.81 29.14
CA LEU C 155 6.02 22.69 30.27
C LEU C 155 5.31 23.20 31.52
N ASN C 156 5.38 22.42 32.59
CA ASN C 156 4.83 22.85 33.87
C ASN C 156 5.92 23.55 34.69
N ASN C 157 5.48 24.38 35.64
CA ASN C 157 6.42 24.99 36.55
C ASN C 157 7.09 23.96 37.45
N SER C 158 6.48 22.79 37.61
CA SER C 158 7.10 21.68 38.31
C SER C 158 8.18 21.01 37.48
N GLY C 159 8.28 21.32 36.20
CA GLY C 159 9.24 20.70 35.30
C GLY C 159 8.67 19.58 34.44
N GLN C 160 7.37 19.35 34.50
CA GLN C 160 6.76 18.28 33.73
C GLN C 160 6.44 18.74 32.32
N ILE C 161 6.73 17.88 31.35
CA ILE C 161 6.49 18.15 29.94
C ILE C 161 5.27 17.36 29.48
N LYS C 162 4.45 17.98 28.63
CA LYS C 162 3.25 17.35 28.09
C LYS C 162 3.08 17.74 26.63
N LEU C 163 2.42 16.85 25.88
CA LEU C 163 2.11 17.06 24.47
C LEU C 163 0.62 17.36 24.31
N ALA C 164 0.30 18.35 23.48
CA ALA C 164 -1.03 18.91 23.41
C ALA C 164 -1.51 19.02 21.97
N ASP C 165 -2.77 19.42 21.83
CA ASP C 165 -3.45 19.59 20.53
C ASP C 165 -3.37 18.30 19.70
N PHE C 166 -4.12 17.30 20.16
CA PHE C 166 -4.22 16.02 19.48
C PHE C 166 -5.31 16.00 18.43
N GLY C 167 -5.81 17.17 18.02
CA GLY C 167 -6.85 17.21 17.01
C GLY C 167 -6.42 16.64 15.67
N LEU C 168 -5.13 16.73 15.36
CA LEU C 168 -4.59 16.22 14.11
C LEU C 168 -3.98 14.83 14.26
N ALA C 169 -4.03 14.24 15.46
CA ALA C 169 -3.51 12.89 15.65
C ALA C 169 -4.45 11.86 15.05
N ARG C 170 -3.89 10.85 14.39
CA ARG C 170 -4.69 9.80 13.77
C ARG C 170 -4.01 8.45 13.96
N LEU C 171 -4.82 7.39 13.94
CA LEU C 171 -4.33 6.03 14.07
C LEU C 171 -3.41 5.65 12.91
N TYR C 172 -2.45 4.76 13.19
CA TYR C 172 -1.50 4.29 12.19
C TYR C 172 -1.62 2.77 12.08
N ASN C 173 -1.70 2.27 10.85
CA ASN C 173 -1.86 0.85 10.59
C ASN C 173 -0.53 0.10 10.74
N SER C 174 -0.49 -0.82 11.71
CA SER C 174 0.72 -1.62 11.91
C SER C 174 0.86 -2.69 10.83
N GLU C 175 -0.21 -3.46 10.58
CA GLU C 175 -0.15 -4.60 9.67
C GLU C 175 0.27 -4.19 8.26
N GLU C 176 -0.57 -3.40 7.58
CA GLU C 176 -0.36 -3.07 6.19
C GLU C 176 -0.38 -1.56 5.98
N SER C 177 0.34 -1.10 4.96
CA SER C 177 0.40 0.32 4.65
C SER C 177 -0.92 0.80 4.05
N ARG C 178 -1.23 2.07 4.28
CA ARG C 178 -2.43 2.71 3.76
C ARG C 178 -2.17 4.20 3.67
N PRO C 179 -2.85 4.92 2.78
CA PRO C 179 -2.53 6.33 2.58
C PRO C 179 -3.28 7.26 3.52
N TYR C 180 -2.68 8.42 3.75
CA TYR C 180 -3.25 9.46 4.59
C TYR C 180 -3.16 10.84 3.93
N ASN C 182 -1.41 14.42 3.07
CA ASN C 182 -0.05 14.90 2.81
C ASN C 182 0.35 16.03 3.75
N LYS C 183 -0.35 17.16 3.66
CA LYS C 183 -0.01 18.35 4.44
C LYS C 183 -0.56 18.18 5.85
N VAL C 184 0.32 17.92 6.83
CA VAL C 184 -0.17 17.63 8.17
C VAL C 184 0.55 18.43 9.26
N ILE C 185 1.86 18.57 9.17
CA ILE C 185 2.63 19.29 10.20
C ILE C 185 3.05 20.64 9.64
N THR C 186 3.04 21.65 10.50
CA THR C 186 3.50 22.99 10.14
C THR C 186 4.90 22.92 9.54
N LEU C 187 5.17 23.84 8.60
CA LEU C 187 6.29 23.68 7.67
C LEU C 187 7.64 23.60 8.39
N TRP C 188 7.80 24.37 9.47
CA TRP C 188 9.10 24.41 10.14
C TRP C 188 9.48 23.08 10.77
N TYR C 189 8.52 22.18 10.97
CA TYR C 189 8.81 20.89 11.59
C TYR C 189 8.36 19.74 10.69
N ARG C 190 8.25 19.99 9.39
CA ARG C 190 7.82 18.93 8.46
C ARG C 190 9.03 18.15 7.95
N PRO C 191 8.92 16.83 7.93
CA PRO C 191 10.04 16.00 7.46
C PRO C 191 10.19 16.10 5.94
N PRO C 192 11.33 15.69 5.41
CA PRO C 192 11.55 15.84 3.95
C PRO C 192 10.63 14.98 3.11
N GLU C 193 10.18 13.82 3.61
CA GLU C 193 9.35 12.95 2.79
C GLU C 193 7.96 13.54 2.58
N LEU C 194 7.43 14.28 3.55
CA LEU C 194 6.12 14.90 3.39
C LEU C 194 6.17 16.06 2.40
N LEU C 195 7.26 16.84 2.43
CA LEU C 195 7.46 17.87 1.43
C LEU C 195 7.50 17.29 0.02
N LEU C 196 8.01 16.07 -0.12
CA LEU C 196 8.13 15.43 -1.42
C LEU C 196 6.88 14.68 -1.84
N GLY C 197 5.79 14.80 -1.07
CA GLY C 197 4.50 14.29 -1.49
C GLY C 197 4.12 12.92 -0.95
N GLU C 198 4.85 12.39 0.03
CA GLU C 198 4.54 11.09 0.59
C GLU C 198 3.17 11.09 1.26
N GLU C 199 2.39 10.05 1.01
CA GLU C 199 1.05 9.91 1.56
C GLU C 199 0.85 8.66 2.39
N ARG C 200 1.83 7.76 2.44
CA ARG C 200 1.75 6.58 3.29
C ARG C 200 2.85 6.61 4.35
N TYR C 201 2.96 7.74 5.06
CA TYR C 201 4.10 7.97 5.93
C TYR C 201 4.01 7.12 7.21
N THR C 202 4.98 7.33 8.08
CA THR C 202 5.25 6.50 9.25
C THR C 202 5.31 7.38 10.48
N PRO C 203 5.30 6.78 11.69
CA PRO C 203 5.54 7.57 12.91
C PRO C 203 6.85 8.36 12.87
N ALA C 204 7.76 7.99 11.97
CA ALA C 204 9.04 8.69 11.85
C ALA C 204 8.87 10.17 11.50
N ILE C 205 7.68 10.59 11.06
CA ILE C 205 7.46 12.02 10.84
C ILE C 205 7.44 12.76 12.18
N ASP C 206 7.06 12.08 13.26
CA ASP C 206 6.99 12.74 14.56
C ASP C 206 8.36 12.90 15.21
N VAL C 207 9.22 11.88 15.10
CA VAL C 207 10.55 11.99 15.67
C VAL C 207 11.40 12.98 14.88
N TRP C 208 10.98 13.34 13.67
CA TRP C 208 11.68 14.39 12.93
C TRP C 208 11.34 15.76 13.51
N SER C 209 10.05 16.04 13.72
CA SER C 209 9.64 17.31 14.30
C SER C 209 10.30 17.51 15.66
N CYS C 210 10.41 16.43 16.44
CA CYS C 210 11.11 16.51 17.71
C CYS C 210 12.61 16.74 17.52
N GLY C 211 13.18 16.24 16.42
CA GLY C 211 14.54 16.60 16.10
C GLY C 211 14.70 18.09 15.83
N CYS C 212 13.71 18.69 15.19
CA CYS C 212 13.76 20.14 14.95
C CYS C 212 13.66 20.92 16.25
N ILE C 213 12.95 20.39 17.24
CA ILE C 213 12.87 21.09 18.51
C ILE C 213 14.04 20.73 19.43
N LEU C 214 14.64 19.54 19.26
CA LEU C 214 15.86 19.23 20.00
C LEU C 214 16.95 20.23 19.64
N GLY C 215 17.09 20.52 18.34
CA GLY C 215 18.01 21.56 17.92
C GLY C 215 17.53 22.95 18.28
N GLU C 216 16.21 23.15 18.33
CA GLU C 216 15.67 24.48 18.63
C GLU C 216 15.92 24.86 20.09
N LEU C 217 15.97 23.89 20.99
CA LEU C 217 16.23 24.20 22.39
C LEU C 217 17.64 24.73 22.60
N PHE C 218 18.53 24.55 21.63
CA PHE C 218 19.88 25.07 21.70
C PHE C 218 20.08 26.34 20.90
N THR C 219 19.06 26.79 20.16
CA THR C 219 19.15 28.01 19.36
C THR C 219 18.09 29.05 19.70
N LYS C 220 17.07 28.69 20.47
CA LYS C 220 15.90 29.52 20.74
C LYS C 220 15.19 29.96 19.46
N LYS C 221 15.62 29.43 18.31
CA LYS C 221 15.03 29.70 17.01
C LYS C 221 14.84 28.37 16.29
N PRO C 222 13.71 28.18 15.63
CA PRO C 222 13.49 26.94 14.88
C PRO C 222 14.56 26.73 13.82
N ILE C 223 14.97 25.46 13.68
CA ILE C 223 16.15 25.13 12.88
C ILE C 223 15.93 25.42 11.41
N PHE C 224 14.73 25.12 10.90
CA PHE C 224 14.43 25.20 9.47
C PHE C 224 13.27 26.18 9.31
N GLN C 225 13.61 27.45 9.09
CA GLN C 225 12.64 28.55 9.02
C GLN C 225 12.45 28.98 7.57
N ALA C 226 11.40 28.47 6.93
CA ALA C 226 10.98 28.91 5.60
C ALA C 226 9.47 29.06 5.58
N ASN C 227 8.94 29.51 4.44
CA ASN C 227 7.51 29.68 4.23
C ASN C 227 6.98 28.78 3.12
N LEU C 228 7.80 28.39 2.16
CA LEU C 228 7.38 27.52 1.08
C LEU C 228 8.14 26.21 1.14
N GLU C 229 7.54 25.18 0.54
CA GLU C 229 8.05 23.83 0.64
C GLU C 229 9.38 23.66 -0.07
N LEU C 230 9.52 24.19 -1.28
CA LEU C 230 10.80 24.11 -1.98
C LEU C 230 11.87 24.90 -1.22
N ALA C 231 11.54 26.12 -0.81
CA ALA C 231 12.48 26.89 0.01
C ALA C 231 12.76 26.23 1.34
N GLN C 232 11.85 25.39 1.82
CA GLN C 232 12.11 24.63 3.04
C GLN C 232 13.01 23.43 2.73
N LEU C 233 12.73 22.74 1.62
CA LEU C 233 13.50 21.55 1.26
C LEU C 233 14.98 21.87 1.07
N GLU C 234 15.28 23.00 0.42
CA GLU C 234 16.68 23.39 0.29
C GLU C 234 17.29 23.77 1.63
N LEU C 235 16.50 24.35 2.52
CA LEU C 235 17.02 24.74 3.83
C LEU C 235 17.46 23.52 4.62
N ILE C 236 16.66 22.45 4.61
CA ILE C 236 17.05 21.22 5.30
C ILE C 236 18.26 20.60 4.64
N SER C 237 18.23 20.48 3.31
CA SER C 237 19.33 19.85 2.59
C SER C 237 20.62 20.65 2.68
N ARG C 238 20.54 21.95 2.95
CA ARG C 238 21.76 22.72 3.18
C ARG C 238 22.42 22.34 4.50
N LEU C 239 21.68 21.71 5.41
CA LEU C 239 22.20 21.28 6.70
C LEU C 239 22.37 19.77 6.78
N CYS C 240 21.38 19.00 6.30
CA CYS C 240 21.43 17.55 6.37
C CYS C 240 21.90 16.89 5.08
N GLY C 241 22.27 17.66 4.06
CA GLY C 241 22.62 17.08 2.77
C GLY C 241 21.40 16.88 1.88
N SER C 242 21.63 16.93 0.58
CA SER C 242 20.55 16.84 -0.38
C SER C 242 20.01 15.42 -0.47
N PRO C 243 18.70 15.26 -0.65
CA PRO C 243 18.13 13.91 -0.81
C PRO C 243 18.64 13.25 -2.08
N CYS C 244 19.33 12.13 -1.93
CA CYS C 244 19.86 11.35 -3.04
C CYS C 244 19.61 9.89 -2.74
N PRO C 245 19.56 9.05 -3.77
CA PRO C 245 19.34 7.61 -3.53
C PRO C 245 20.47 6.95 -2.77
N ALA C 246 21.63 7.59 -2.67
CA ALA C 246 22.75 6.98 -1.95
C ALA C 246 22.45 6.89 -0.46
N VAL C 247 21.87 7.94 0.12
CA VAL C 247 21.54 7.94 1.55
C VAL C 247 20.07 7.61 1.81
N TRP C 248 19.22 7.61 0.79
CA TRP C 248 17.78 7.40 0.98
C TRP C 248 17.24 6.73 -0.27
N PRO C 249 17.30 5.40 -0.32
CA PRO C 249 17.00 4.69 -1.57
C PRO C 249 15.58 4.90 -2.10
N ASP C 250 14.66 5.43 -1.31
CA ASP C 250 13.28 5.56 -1.73
C ASP C 250 12.91 6.97 -2.21
N VAL C 251 13.90 7.86 -2.36
CA VAL C 251 13.61 9.18 -2.90
C VAL C 251 13.00 9.09 -4.29
N ILE C 252 13.40 8.09 -5.07
CA ILE C 252 12.96 7.94 -6.45
C ILE C 252 11.49 7.57 -6.56
N LYS C 253 10.86 7.22 -5.45
CA LYS C 253 9.45 6.85 -5.40
C LYS C 253 8.55 8.02 -5.08
N LEU C 254 9.07 9.06 -4.46
CA LEU C 254 8.28 10.21 -4.04
C LEU C 254 7.95 11.10 -5.24
N PRO C 255 6.73 11.65 -5.30
CA PRO C 255 6.30 12.38 -6.49
C PRO C 255 7.20 13.56 -6.85
N TYR C 256 7.28 14.53 -5.94
CA TYR C 256 7.94 15.80 -6.24
C TYR C 256 9.44 15.72 -6.03
N PHE C 257 10.03 14.54 -6.19
CA PHE C 257 11.48 14.43 -6.01
C PHE C 257 12.24 15.22 -7.06
N ASN C 258 11.81 15.14 -8.33
CA ASN C 258 12.50 15.85 -9.40
C ASN C 258 11.96 17.25 -9.62
N THR C 259 10.63 17.44 -9.53
CA THR C 259 10.07 18.78 -9.65
C THR C 259 10.54 19.69 -8.52
N MET C 260 10.81 19.11 -7.35
CA MET C 260 11.27 19.84 -6.17
C MET C 260 12.67 19.32 -5.84
N LYS C 261 13.68 19.97 -6.39
CA LYS C 261 15.06 19.57 -6.16
C LYS C 261 15.86 20.74 -5.59
N PRO C 262 16.86 20.48 -4.76
CA PRO C 262 17.70 21.56 -4.23
C PRO C 262 18.55 22.17 -5.34
N LYS C 263 19.22 23.27 -4.99
CA LYS C 263 20.09 23.95 -5.94
C LYS C 263 21.24 23.05 -6.37
N LYS C 264 22.01 22.57 -5.39
CA LYS C 264 23.09 21.63 -5.64
C LYS C 264 22.93 20.44 -4.71
N GLN C 265 23.74 19.42 -4.93
CA GLN C 265 23.68 18.20 -4.12
C GLN C 265 24.61 18.45 -2.94
N TYR C 266 24.07 19.02 -1.87
CA TYR C 266 24.89 19.45 -0.73
C TYR C 266 25.47 18.27 0.03
N ARG C 267 26.43 18.56 0.90
CA ARG C 267 27.04 17.58 1.78
C ARG C 267 26.55 17.79 3.20
N ARG C 268 26.41 16.69 3.94
CA ARG C 268 25.90 16.75 5.31
C ARG C 268 26.93 17.40 6.23
N ARG C 269 26.50 18.44 6.94
CA ARG C 269 27.34 19.18 7.87
C ARG C 269 26.59 19.43 9.19
N LEU C 270 25.82 18.44 9.64
CA LEU C 270 25.05 18.61 10.87
C LEU C 270 25.95 18.54 12.10
N ARG C 271 26.97 17.68 12.08
CA ARG C 271 27.86 17.48 13.22
C ARG C 271 28.77 18.67 13.49
N GLU C 272 28.81 19.66 12.61
CA GLU C 272 29.71 20.78 12.79
C GLU C 272 29.00 22.12 12.84
N GLU C 273 27.92 22.30 12.07
CA GLU C 273 27.09 23.49 12.23
C GLU C 273 26.43 23.55 13.61
N PHE C 274 26.27 22.41 14.27
CA PHE C 274 25.84 22.34 15.66
C PHE C 274 26.93 21.65 16.48
N SER C 275 28.18 22.06 16.30
CA SER C 275 29.27 21.42 17.02
C SER C 275 29.36 21.87 18.48
N PHE C 276 28.68 22.96 18.85
CA PHE C 276 28.78 23.47 20.21
C PHE C 276 27.92 22.68 21.20
N ILE C 277 26.91 21.95 20.72
CA ILE C 277 26.02 21.23 21.62
C ILE C 277 26.74 19.95 22.06
N PRO C 278 26.37 19.34 23.21
CA PRO C 278 27.12 18.17 23.70
C PRO C 278 27.24 17.05 22.69
N SER C 279 28.25 16.20 22.86
CA SER C 279 28.51 15.14 21.89
C SER C 279 27.35 14.15 21.84
N ALA C 280 26.91 13.68 23.01
CA ALA C 280 25.78 12.75 23.04
C ALA C 280 24.49 13.39 22.54
N ALA C 281 24.31 14.69 22.79
CA ALA C 281 23.12 15.38 22.29
C ALA C 281 23.19 15.55 20.79
N LEU C 282 24.36 15.93 20.27
CA LEU C 282 24.53 16.02 18.82
C LEU C 282 24.48 14.65 18.16
N ASP C 283 24.96 13.62 18.85
CA ASP C 283 24.93 12.27 18.28
C ASP C 283 23.50 11.76 18.16
N LEU C 284 22.64 12.12 19.11
CA LEU C 284 21.23 11.75 18.99
C LEU C 284 20.53 12.61 17.94
N LEU C 285 20.92 13.89 17.85
CA LEU C 285 20.30 14.80 16.87
C LEU C 285 20.59 14.35 15.44
N ASP C 286 21.80 13.87 15.19
CA ASP C 286 22.12 13.36 13.86
C ASP C 286 21.26 12.14 13.53
N HIS C 287 21.04 11.28 14.52
CA HIS C 287 20.26 10.06 14.29
C HIS C 287 18.78 10.38 14.12
N MET C 288 18.28 11.48 14.68
CA MET C 288 16.88 11.83 14.52
C MET C 288 16.63 12.74 13.32
N LEU C 289 17.66 13.33 12.73
CA LEU C 289 17.52 14.21 11.58
C LEU C 289 18.00 13.57 10.29
N THR C 290 17.95 12.25 10.20
CA THR C 290 18.30 11.56 8.97
C THR C 290 17.22 11.78 7.91
N LEU C 291 17.65 11.93 6.64
CA LEU C 291 16.68 12.14 5.57
C LEU C 291 15.81 10.91 5.36
N ASP C 292 16.43 9.75 5.25
CA ASP C 292 15.68 8.53 5.00
C ASP C 292 14.87 8.19 6.24
N PRO C 293 13.53 8.24 6.20
CA PRO C 293 12.75 7.87 7.38
C PRO C 293 12.90 6.41 7.76
N SER C 294 13.39 5.56 6.85
CA SER C 294 13.63 4.16 7.20
C SER C 294 14.82 4.01 8.13
N LYS C 295 15.78 4.94 8.08
CA LYS C 295 16.92 4.93 8.98
C LYS C 295 16.79 5.96 10.10
N ARG C 296 15.60 6.51 10.29
CA ARG C 296 15.39 7.51 11.33
C ARG C 296 15.15 6.83 12.67
N CYS C 297 15.38 7.58 13.74
CA CYS C 297 15.24 7.06 15.09
C CYS C 297 13.83 6.57 15.37
N THR C 298 13.74 5.49 16.14
CA THR C 298 12.48 5.06 16.72
C THR C 298 12.32 5.75 18.08
N ALA C 299 11.08 6.14 18.40
CA ALA C 299 10.83 6.79 19.68
C ALA C 299 11.34 5.95 20.85
N GLU C 300 11.32 4.62 20.71
CA GLU C 300 11.80 3.75 21.77
C GLU C 300 13.31 3.87 21.96
N GLN C 301 14.06 3.90 20.87
CA GLN C 301 15.52 3.91 20.98
C GLN C 301 16.12 5.30 21.16
N THR C 302 15.33 6.37 21.02
CA THR C 302 15.84 7.69 21.38
C THR C 302 16.06 7.77 22.89
N LEU C 303 15.27 7.03 23.65
CA LEU C 303 15.43 6.94 25.10
C LEU C 303 16.43 5.86 25.48
N GLN C 304 17.02 5.21 24.49
CA GLN C 304 18.15 4.31 24.67
C GLN C 304 19.42 4.95 24.16
N SER C 305 19.36 6.20 23.73
CA SER C 305 20.53 6.96 23.34
C SER C 305 21.38 7.30 24.56
N ASP C 306 22.65 7.65 24.30
CA ASP C 306 23.54 8.05 25.38
C ASP C 306 23.08 9.34 26.06
N PHE C 307 22.29 10.18 25.38
CA PHE C 307 21.88 11.45 25.95
C PHE C 307 20.70 11.32 26.91
N LEU C 308 19.90 10.24 26.80
CA LEU C 308 18.75 10.03 27.67
C LEU C 308 18.76 8.67 28.35
N LYS C 309 19.87 7.92 28.29
CA LYS C 309 19.92 6.61 28.92
C LYS C 309 19.86 6.72 30.44
N ASP C 310 20.74 7.54 31.02
CA ASP C 310 20.86 7.62 32.48
C ASP C 310 20.31 8.94 33.01
N VAL C 311 19.08 9.28 32.64
CA VAL C 311 18.44 10.51 33.09
C VAL C 311 17.18 10.11 33.86
N GLU C 312 17.31 9.86 35.16
CA GLU C 312 16.13 9.64 36.00
C GLU C 312 15.56 11.01 36.37
N LEU C 313 14.29 11.21 36.00
CA LEU C 313 13.72 12.54 35.91
C LEU C 313 13.48 13.19 37.28
N SER C 314 13.16 12.39 38.30
CA SER C 314 12.83 12.95 39.61
C SER C 314 14.03 13.58 40.29
N LYS C 315 15.24 13.29 39.86
CA LYS C 315 16.45 13.88 40.43
C LYS C 315 16.90 15.12 39.66
N MET C 316 15.95 15.91 39.18
CA MET C 316 16.20 17.11 38.41
C MET C 316 15.51 18.28 39.07
N ALA C 317 15.78 19.49 38.56
CA ALA C 317 15.22 20.69 39.14
C ALA C 317 14.54 21.54 38.08
N PRO C 318 13.42 22.19 38.42
CA PRO C 318 12.72 23.04 37.45
C PRO C 318 13.62 24.18 36.97
N PRO C 319 13.34 24.74 35.80
CA PRO C 319 14.22 25.79 35.26
C PRO C 319 13.82 27.18 35.71
N ASP C 320 14.55 28.19 35.23
CA ASP C 320 14.24 29.60 35.50
C ASP C 320 13.07 29.97 34.59
N LEU C 321 11.86 29.63 35.04
CA LEU C 321 10.64 29.87 34.27
C LEU C 321 9.95 31.12 34.79
N PRO C 322 9.73 32.14 33.95
CA PRO C 322 9.09 33.37 34.44
C PRO C 322 7.61 33.17 34.72
N HIS C 323 6.94 34.24 35.16
CA HIS C 323 5.53 34.17 35.51
C HIS C 323 4.69 35.22 34.80
N TRP C 324 5.29 36.12 34.04
CA TRP C 324 4.59 37.23 33.41
C TRP C 324 5.29 37.64 32.13
N GLN C 325 4.49 38.15 31.19
CA GLN C 325 5.00 38.62 29.90
C GLN C 325 4.34 39.94 29.53
N ASP C 326 5.08 40.76 28.82
CA ASP C 326 4.56 42.03 28.35
C ASP C 326 3.68 41.68 27.18
N CYS C 327 2.47 42.21 27.14
CA CYS C 327 1.54 41.88 26.02
C CYS C 327 0.99 43.16 25.39
N THR D 22 -12.04 5.97 34.49
CA THR D 22 -12.47 7.03 33.59
C THR D 22 -13.44 6.50 32.53
N LYS D 23 -13.46 5.18 32.38
CA LYS D 23 -14.36 4.52 31.44
C LYS D 23 -15.62 4.07 32.16
N PRO D 24 -16.80 4.57 31.81
CA PRO D 24 -18.01 4.16 32.52
C PRO D 24 -18.41 2.74 32.15
N CYS D 25 -19.28 2.17 32.99
CA CYS D 25 -19.77 0.81 32.79
C CYS D 25 -21.02 0.83 31.93
N TRP D 26 -21.02 0.06 30.85
CA TRP D 26 -22.13 0.06 29.90
C TRP D 26 -22.81 -1.30 29.81
N TYR D 27 -23.08 -1.92 30.96
CA TYR D 27 -23.76 -3.20 30.98
C TYR D 27 -24.71 -3.26 32.18
N TRP D 28 -25.88 -3.85 31.96
CA TRP D 28 -26.94 -3.93 32.95
C TRP D 28 -27.36 -5.38 33.17
N ASP D 29 -27.88 -5.65 34.35
CA ASP D 29 -28.52 -6.93 34.61
C ASP D 29 -29.90 -6.99 33.95
N LYS D 30 -30.50 -8.17 33.92
CA LYS D 30 -31.89 -8.27 33.49
C LYS D 30 -32.84 -7.69 34.53
N LYS D 31 -32.40 -7.59 35.79
CA LYS D 31 -33.18 -6.85 36.78
C LYS D 31 -33.11 -5.35 36.49
N ASP D 32 -31.93 -4.86 36.11
CA ASP D 32 -31.81 -3.46 35.70
C ASP D 32 -32.55 -3.21 34.38
N LEU D 33 -32.48 -4.15 33.44
CA LEU D 33 -33.17 -3.98 32.17
C LEU D 33 -34.68 -4.11 32.31
N ALA D 34 -35.18 -4.54 33.45
CA ALA D 34 -36.60 -4.56 33.71
C ALA D 34 -37.08 -3.29 34.41
N HIS D 35 -36.19 -2.33 34.64
CA HIS D 35 -36.54 -1.08 35.30
C HIS D 35 -36.00 0.11 34.52
N THR D 36 -36.05 0.06 33.20
CA THR D 36 -35.63 1.19 32.40
C THR D 36 -36.56 2.38 32.64
N PRO D 37 -36.09 3.60 32.35
CA PRO D 37 -36.96 4.77 32.51
C PRO D 37 -38.30 4.67 31.79
N SER D 38 -38.38 3.89 30.72
CA SER D 38 -39.66 3.71 30.04
C SER D 38 -40.61 2.85 30.86
N GLN D 39 -40.08 1.82 31.53
CA GLN D 39 -40.94 0.98 32.37
C GLN D 39 -41.47 1.78 33.57
N LEU D 40 -40.61 2.62 34.16
CA LEU D 40 -41.02 3.41 35.31
C LEU D 40 -42.14 4.38 34.96
N GLU D 41 -42.10 4.95 33.75
CA GLU D 41 -43.15 5.84 33.30
C GLU D 41 -44.40 5.10 32.82
N GLY D 42 -44.45 3.79 33.01
CA GLY D 42 -45.66 3.03 32.76
C GLY D 42 -45.71 2.24 31.47
N LEU D 43 -44.61 2.17 30.72
CA LEU D 43 -44.63 1.45 29.46
C LEU D 43 -44.51 -0.05 29.71
N ASP D 44 -45.16 -0.83 28.85
CA ASP D 44 -45.15 -2.27 28.99
C ASP D 44 -43.82 -2.83 28.51
N PRO D 45 -43.27 -3.84 29.18
CA PRO D 45 -41.98 -4.41 28.73
C PRO D 45 -42.01 -4.92 27.30
N ALA D 46 -43.07 -5.62 26.89
CA ALA D 46 -43.18 -6.07 25.52
C ALA D 46 -43.32 -4.90 24.55
N THR D 47 -43.87 -3.77 25.02
CA THR D 47 -43.98 -2.59 24.18
C THR D 47 -42.64 -1.88 24.02
N GLU D 48 -41.83 -1.83 25.08
CA GLU D 48 -40.50 -1.25 24.97
C GLU D 48 -39.62 -2.03 24.02
N ALA D 49 -39.69 -3.37 24.08
CA ALA D 49 -38.90 -4.19 23.18
C ALA D 49 -39.25 -3.93 21.72
N ARG D 50 -40.51 -3.56 21.45
CA ARG D 50 -40.89 -3.23 20.08
C ARG D 50 -40.33 -1.89 19.66
N TYR D 51 -40.36 -0.90 20.55
CA TYR D 51 -39.84 0.43 20.22
C TYR D 51 -38.36 0.37 19.87
N ARG D 52 -37.60 -0.42 20.62
CA ARG D 52 -36.18 -0.58 20.33
C ARG D 52 -35.98 -1.32 19.01
N ARG D 53 -36.84 -2.30 18.74
CA ARG D 53 -36.77 -3.05 17.49
C ARG D 53 -37.05 -2.15 16.30
N GLU D 54 -38.15 -1.39 16.36
CA GLU D 54 -38.47 -0.43 15.32
C GLU D 54 -37.36 0.61 15.17
N GLY D 55 -36.80 1.06 16.30
CA GLY D 55 -35.75 2.06 16.23
C GLY D 55 -34.47 1.50 15.66
N ALA D 56 -34.11 0.27 16.04
CA ALA D 56 -32.89 -0.34 15.51
C ALA D 56 -33.04 -0.64 14.03
N ARG D 57 -34.22 -1.11 13.60
CA ARG D 57 -34.46 -1.35 12.18
C ARG D 57 -34.64 -0.08 11.39
N PHE D 58 -34.82 1.05 12.08
CA PHE D 58 -34.90 2.33 11.38
C PHE D 58 -33.51 2.86 11.07
N ILE D 59 -32.58 2.73 12.02
CA ILE D 59 -31.19 3.08 11.77
C ILE D 59 -30.55 2.10 10.80
N PHE D 60 -31.12 0.94 10.65
CA PHE D 60 -30.57 -0.02 9.74
C PHE D 60 -30.90 0.32 8.32
N ASP D 61 -32.19 0.39 8.05
CA ASP D 61 -32.64 0.69 6.70
C ASP D 61 -32.15 2.05 6.22
N VAL D 62 -32.12 3.04 7.13
CA VAL D 62 -31.60 4.35 6.74
C VAL D 62 -30.11 4.25 6.45
N GLY D 63 -29.37 3.51 7.28
CA GLY D 63 -27.94 3.39 7.06
C GLY D 63 -27.61 2.65 5.78
N THR D 64 -28.35 1.59 5.47
CA THR D 64 -28.10 0.84 4.24
C THR D 64 -28.50 1.65 3.01
N ARG D 65 -29.60 2.39 3.09
CA ARG D 65 -30.03 3.21 1.96
C ARG D 65 -29.02 4.30 1.63
N LEU D 66 -28.32 4.81 2.63
CA LEU D 66 -27.22 5.75 2.45
C LEU D 66 -25.91 5.05 2.19
N GLY D 67 -25.90 3.72 2.17
CA GLY D 67 -24.70 2.95 1.91
C GLY D 67 -23.71 2.93 3.06
N LEU D 68 -24.19 2.91 4.30
CA LEU D 68 -23.32 2.83 5.45
C LEU D 68 -23.11 1.37 5.84
N HIS D 69 -21.98 1.09 6.46
CA HIS D 69 -21.52 -0.27 6.71
C HIS D 69 -21.60 -0.65 8.18
N TYR D 70 -21.53 -1.96 8.43
CA TYR D 70 -21.99 -2.54 9.70
C TYR D 70 -21.38 -1.91 10.94
N ASP D 71 -20.19 -1.33 10.84
CA ASP D 71 -19.63 -0.61 11.97
C ASP D 71 -20.42 0.68 12.23
N THR D 72 -20.85 1.37 11.18
CA THR D 72 -21.54 2.63 11.34
C THR D 72 -22.99 2.45 11.80
N LEU D 73 -23.71 1.47 11.25
CA LEU D 73 -25.08 1.24 11.69
C LEU D 73 -25.12 0.77 13.14
N ALA D 74 -24.25 -0.19 13.48
CA ALA D 74 -24.27 -0.76 14.82
C ALA D 74 -23.90 0.28 15.88
N THR D 75 -23.06 1.25 15.53
CA THR D 75 -22.73 2.31 16.48
C THR D 75 -23.95 3.18 16.76
N GLY D 76 -24.73 3.48 15.73
CA GLY D 76 -25.97 4.21 15.95
C GLY D 76 -26.96 3.42 16.78
N ILE D 77 -27.02 2.11 16.57
CA ILE D 77 -27.95 1.27 17.31
C ILE D 77 -27.55 1.17 18.77
N ILE D 78 -26.25 1.05 19.05
CA ILE D 78 -25.79 0.98 20.43
C ILE D 78 -26.03 2.31 21.14
N TYR D 79 -25.76 3.43 20.46
CA TYR D 79 -26.14 4.73 21.00
C TYR D 79 -27.62 4.77 21.33
N PHE D 80 -28.45 4.14 20.49
CA PHE D 80 -29.90 4.16 20.67
C PHE D 80 -30.30 3.38 21.92
N HIS D 81 -29.78 2.16 22.07
CA HIS D 81 -30.14 1.34 23.22
C HIS D 81 -29.64 1.95 24.52
N ARG D 82 -28.45 2.58 24.48
CA ARG D 82 -27.92 3.22 25.67
C ARG D 82 -28.68 4.50 26.02
N PHE D 83 -29.13 5.24 24.99
CA PHE D 83 -29.88 6.46 25.25
C PHE D 83 -31.13 6.21 26.06
N TYR D 84 -31.76 5.06 25.88
CA TYR D 84 -33.02 4.75 26.56
C TYR D 84 -32.80 3.93 27.82
N MET D 85 -31.57 3.92 28.34
CA MET D 85 -31.35 3.52 29.72
C MET D 85 -31.37 4.70 30.67
N PHE D 86 -31.38 5.92 30.13
CA PHE D 86 -31.44 7.14 30.93
C PHE D 86 -32.60 8.03 30.52
N HIS D 87 -33.35 7.66 29.49
CA HIS D 87 -34.52 8.41 29.05
C HIS D 87 -35.60 7.44 28.63
N SER D 88 -36.85 7.84 28.83
CA SER D 88 -38.00 7.00 28.49
C SER D 88 -38.51 7.35 27.10
N PHE D 89 -39.11 6.36 26.45
CA PHE D 89 -39.72 6.58 25.14
C PHE D 89 -40.93 7.50 25.23
N LYS D 90 -41.58 7.60 26.40
CA LYS D 90 -42.69 8.53 26.54
C LYS D 90 -42.25 9.98 26.53
N GLN D 91 -40.95 10.25 26.51
CA GLN D 91 -40.45 11.60 26.45
C GLN D 91 -39.61 11.89 25.21
N PHE D 92 -38.97 10.87 24.63
CA PHE D 92 -38.11 11.04 23.46
C PHE D 92 -38.56 10.07 22.37
N PRO D 93 -39.05 10.56 21.23
CA PRO D 93 -39.47 9.66 20.16
C PRO D 93 -38.34 8.80 19.65
N ARG D 94 -38.69 7.57 19.25
CA ARG D 94 -37.68 6.58 18.88
C ARG D 94 -36.97 6.92 17.57
N TYR D 95 -37.71 7.42 16.58
CA TYR D 95 -37.12 7.64 15.26
C TYR D 95 -36.25 8.89 15.23
N VAL D 96 -36.65 9.93 15.97
CA VAL D 96 -35.82 11.12 16.08
C VAL D 96 -34.51 10.76 16.78
N THR D 97 -34.58 9.97 17.84
CA THR D 97 -33.37 9.49 18.50
C THR D 97 -32.58 8.56 17.59
N GLY D 98 -33.27 7.68 16.86
CA GLY D 98 -32.57 6.78 15.95
C GLY D 98 -31.81 7.53 14.88
N ALA D 99 -32.48 8.48 14.22
CA ALA D 99 -31.81 9.27 13.18
C ALA D 99 -30.69 10.12 13.76
N CYS D 100 -30.84 10.57 15.01
CA CYS D 100 -29.78 11.37 15.63
C CYS D 100 -28.56 10.52 15.95
N CYS D 101 -28.78 9.30 16.45
CA CYS D 101 -27.67 8.41 16.76
C CYS D 101 -26.88 8.05 15.51
N LEU D 102 -27.58 7.76 14.40
CA LEU D 102 -26.90 7.46 13.16
C LEU D 102 -26.11 8.67 12.66
N PHE D 103 -26.67 9.86 12.82
CA PHE D 103 -25.96 11.08 12.44
C PHE D 103 -24.68 11.23 13.24
N LEU D 104 -24.72 10.86 14.53
CA LEU D 104 -23.52 10.88 15.35
C LEU D 104 -22.61 9.69 15.04
N ALA D 105 -23.19 8.54 14.69
CA ALA D 105 -22.39 7.35 14.42
C ALA D 105 -21.58 7.50 13.14
N GLY D 106 -22.07 8.28 12.18
CA GLY D 106 -21.30 8.50 10.96
C GLY D 106 -20.02 9.27 11.22
N LYS D 107 -20.07 10.25 12.13
CA LYS D 107 -18.88 11.03 12.45
C LYS D 107 -17.87 10.22 13.26
N VAL D 108 -18.35 9.47 14.25
CA VAL D 108 -17.45 8.75 15.13
C VAL D 108 -16.70 7.67 14.37
N GLU D 109 -17.39 6.92 13.52
CA GLU D 109 -16.76 5.88 12.72
C GLU D 109 -16.19 6.43 11.42
N GLU D 110 -16.23 7.75 11.23
CA GLU D 110 -15.57 8.44 10.12
C GLU D 110 -16.15 8.04 8.76
N THR D 111 -17.47 7.84 8.72
CA THR D 111 -18.21 7.63 7.47
C THR D 111 -19.40 8.59 7.49
N PRO D 112 -19.15 9.89 7.40
CA PRO D 112 -20.18 10.88 7.71
C PRO D 112 -21.19 11.08 6.59
N LYS D 113 -22.46 11.19 6.99
CA LYS D 113 -23.55 11.56 6.11
C LYS D 113 -24.18 12.85 6.63
N LYS D 114 -24.57 13.73 5.71
CA LYS D 114 -25.22 14.97 6.11
C LYS D 114 -26.53 14.69 6.81
N CYS D 115 -26.85 15.53 7.81
CA CYS D 115 -28.11 15.39 8.52
C CYS D 115 -29.30 15.55 7.59
N LYS D 116 -29.18 16.42 6.59
CA LYS D 116 -30.26 16.60 5.62
C LYS D 116 -30.54 15.33 4.84
N ASP D 117 -29.52 14.50 4.61
CA ASP D 117 -29.72 13.24 3.90
C ASP D 117 -30.46 12.22 4.75
N ILE D 118 -30.20 12.21 6.06
CA ILE D 118 -30.83 11.23 6.93
C ILE D 118 -32.33 11.47 7.03
N ILE D 119 -32.75 12.73 7.02
CA ILE D 119 -34.17 13.02 7.15
C ILE D 119 -34.91 12.73 5.85
N LYS D 120 -34.35 13.13 4.71
CA LYS D 120 -34.92 12.75 3.43
C LYS D 120 -34.99 11.23 3.30
N THR D 121 -34.00 10.52 3.85
CA THR D 121 -34.08 9.07 3.92
C THR D 121 -35.14 8.64 4.92
N ALA D 122 -35.16 9.27 6.10
CA ALA D 122 -36.17 8.94 7.10
C ALA D 122 -37.59 9.21 6.59
N ARG D 123 -37.78 10.33 5.88
CA ARG D 123 -39.12 10.69 5.43
C ARG D 123 -39.65 9.72 4.38
N SER D 124 -38.76 9.07 3.63
CA SER D 124 -39.19 8.12 2.61
C SER D 124 -39.46 6.73 3.17
N LEU D 125 -39.07 6.47 4.43
CA LEU D 125 -39.27 5.18 5.06
C LEU D 125 -40.35 5.19 6.13
N LEU D 126 -40.73 6.37 6.61
CA LEU D 126 -41.73 6.50 7.65
C LEU D 126 -43.07 6.93 7.07
N ASN D 127 -44.11 6.79 7.88
CA ASN D 127 -45.47 7.21 7.56
C ASN D 127 -45.61 8.70 7.85
N ASP D 128 -46.81 9.26 7.62
CA ASP D 128 -47.09 10.63 8.08
C ASP D 128 -47.21 10.72 9.59
N VAL D 129 -47.68 9.68 10.27
CA VAL D 129 -47.74 9.73 11.72
C VAL D 129 -46.41 9.31 12.35
N GLN D 130 -45.64 8.44 11.69
CA GLN D 130 -44.32 8.08 12.19
C GLN D 130 -43.34 9.25 12.04
N PHE D 131 -43.35 9.89 10.88
CA PHE D 131 -42.53 11.09 10.68
C PHE D 131 -43.06 12.30 11.44
N GLY D 132 -44.30 12.26 11.94
CA GLY D 132 -44.81 13.35 12.75
C GLY D 132 -44.02 13.59 14.01
N GLN D 133 -43.28 12.58 14.48
CA GLN D 133 -42.42 12.74 15.65
C GLN D 133 -41.29 13.72 15.41
N PHE D 134 -40.93 13.97 14.15
CA PHE D 134 -39.84 14.89 13.81
C PHE D 134 -40.26 16.35 13.92
N GLY D 135 -41.54 16.63 14.08
CA GLY D 135 -41.99 17.99 14.27
C GLY D 135 -42.06 18.77 12.97
N ASP D 136 -42.14 20.10 13.13
CA ASP D 136 -42.24 21.00 11.99
C ASP D 136 -40.88 21.24 11.33
N ASP D 137 -39.83 21.36 12.14
CA ASP D 137 -38.47 21.52 11.66
C ASP D 137 -37.69 20.26 12.01
N PRO D 138 -37.72 19.23 11.16
CA PRO D 138 -37.07 17.97 11.52
C PRO D 138 -35.57 18.09 11.71
N LYS D 139 -34.92 19.03 11.03
CA LYS D 139 -33.47 19.15 11.14
C LYS D 139 -33.07 19.54 12.55
N GLU D 140 -33.63 20.64 13.06
CA GLU D 140 -33.29 21.10 14.40
C GLU D 140 -33.63 20.06 15.45
N GLU D 141 -34.79 19.40 15.31
CA GLU D 141 -35.19 18.36 16.25
C GLU D 141 -34.13 17.27 16.37
N VAL D 142 -33.48 16.93 15.25
CA VAL D 142 -32.38 15.97 15.30
C VAL D 142 -31.11 16.63 15.79
N MET D 143 -30.92 17.91 15.42
CA MET D 143 -29.71 18.61 15.81
C MET D 143 -29.68 18.86 17.32
N VAL D 144 -30.82 19.27 17.90
CA VAL D 144 -30.86 19.57 19.33
C VAL D 144 -30.68 18.30 20.14
N LEU D 145 -31.09 17.15 19.60
CA LEU D 145 -30.95 15.90 20.32
C LEU D 145 -29.51 15.42 20.39
N GLU D 146 -28.65 15.91 19.48
CA GLU D 146 -27.25 15.52 19.52
C GLU D 146 -26.57 16.02 20.79
N ARG D 147 -26.99 17.18 21.31
CA ARG D 147 -26.41 17.65 22.57
C ARG D 147 -26.85 16.74 23.71
N ILE D 148 -28.11 16.31 23.70
CA ILE D 148 -28.60 15.41 24.75
C ILE D 148 -27.94 14.04 24.64
N LEU D 149 -27.75 13.55 23.41
CA LEU D 149 -27.22 12.21 23.23
C LEU D 149 -25.75 12.11 23.63
N LEU D 150 -24.95 13.12 23.28
CA LEU D 150 -23.52 13.06 23.61
C LEU D 150 -23.29 13.03 25.11
N GLN D 151 -24.03 13.86 25.86
CA GLN D 151 -23.93 13.83 27.32
C GLN D 151 -24.42 12.50 27.87
N THR D 152 -25.45 11.92 27.25
CA THR D 152 -26.03 10.68 27.75
C THR D 152 -25.06 9.51 27.58
N ILE D 153 -24.34 9.45 26.46
CA ILE D 153 -23.39 8.38 26.20
C ILE D 153 -22.06 8.72 26.87
N LYS D 154 -22.05 9.76 27.70
CA LYS D 154 -20.88 10.18 28.47
C LYS D 154 -19.69 10.51 27.57
N PHE D 155 -19.94 10.90 26.32
CA PHE D 155 -18.89 11.16 25.34
C PHE D 155 -17.98 9.95 25.14
N ASP D 156 -18.47 8.76 25.46
CA ASP D 156 -17.75 7.51 25.22
C ASP D 156 -18.08 7.06 23.81
N LEU D 157 -17.34 7.63 22.84
CA LEU D 157 -17.71 7.47 21.44
C LEU D 157 -17.23 6.13 20.87
N GLN D 158 -16.05 5.67 21.28
CA GLN D 158 -15.50 4.43 20.74
C GLN D 158 -16.22 3.22 21.29
N VAL D 159 -16.74 2.38 20.39
CA VAL D 159 -17.35 1.11 20.78
C VAL D 159 -16.92 0.04 19.78
N GLU D 160 -16.96 -1.21 20.24
CA GLU D 160 -16.64 -2.37 19.42
C GLU D 160 -17.89 -3.24 19.26
N HIS D 161 -17.99 -3.88 18.10
CA HIS D 161 -19.11 -4.72 17.73
C HIS D 161 -18.67 -6.16 17.56
N PRO D 162 -19.59 -7.12 17.65
CA PRO D 162 -19.20 -8.54 17.52
C PRO D 162 -18.67 -8.91 16.14
N TYR D 163 -18.74 -8.03 15.15
CA TYR D 163 -18.34 -8.40 13.79
C TYR D 163 -16.86 -8.79 13.72
N GLN D 164 -15.97 -7.94 14.23
CA GLN D 164 -14.54 -8.25 14.11
C GLN D 164 -14.17 -9.48 14.91
N PHE D 165 -14.82 -9.71 16.06
CA PHE D 165 -14.49 -10.88 16.86
C PHE D 165 -15.04 -12.16 16.24
N LEU D 166 -16.15 -12.06 15.52
CA LEU D 166 -16.65 -13.22 14.78
C LEU D 166 -15.63 -13.67 13.74
N LEU D 167 -15.03 -12.72 13.03
CA LEU D 167 -13.99 -13.05 12.07
C LEU D 167 -12.71 -13.52 12.77
N LYS D 168 -12.33 -12.84 13.86
CA LYS D 168 -11.08 -13.15 14.53
C LYS D 168 -11.08 -14.57 15.11
N TYR D 169 -12.21 -14.99 15.67
CA TYR D 169 -12.27 -16.31 16.29
C TYR D 169 -12.45 -17.41 15.26
N ALA D 170 -13.26 -17.18 14.23
CA ALA D 170 -13.45 -18.17 13.19
C ALA D 170 -12.18 -18.35 12.35
N LYS D 171 -11.31 -17.35 12.32
CA LYS D 171 -10.07 -17.46 11.55
C LYS D 171 -9.16 -18.57 12.10
N GLN D 172 -9.23 -18.82 13.40
CA GLN D 172 -8.42 -19.83 14.04
C GLN D 172 -9.07 -21.22 14.02
N LEU D 173 -10.16 -21.37 13.28
CA LEU D 173 -10.81 -22.67 13.09
C LEU D 173 -10.36 -23.26 11.76
N LYS D 174 -9.76 -24.44 11.80
CA LYS D 174 -9.28 -25.12 10.61
C LYS D 174 -10.15 -26.34 10.33
N GLY D 175 -10.60 -26.46 9.08
CA GLY D 175 -11.44 -27.59 8.70
C GLY D 175 -12.05 -27.37 7.33
N ASP D 176 -13.28 -27.87 7.16
CA ASP D 176 -13.97 -27.72 5.89
C ASP D 176 -14.24 -26.25 5.62
N LYS D 177 -13.68 -25.74 4.52
CA LYS D 177 -13.82 -24.33 4.19
C LYS D 177 -15.27 -23.95 3.93
N ASN D 178 -16.04 -24.84 3.29
CA ASN D 178 -17.43 -24.52 2.97
C ASN D 178 -18.30 -24.49 4.22
N LYS D 179 -18.02 -25.36 5.18
CA LYS D 179 -18.82 -25.42 6.40
C LYS D 179 -18.49 -24.30 7.38
N ILE D 180 -17.22 -23.90 7.45
CA ILE D 180 -16.85 -22.78 8.31
C ILE D 180 -17.40 -21.46 7.74
N GLN D 181 -17.36 -21.30 6.42
CA GLN D 181 -17.94 -20.10 5.81
C GLN D 181 -19.45 -20.05 6.03
N LYS D 182 -20.11 -21.21 5.99
CA LYS D 182 -21.54 -21.23 6.30
C LYS D 182 -21.79 -20.84 7.74
N LEU D 183 -20.85 -21.15 8.64
CA LEU D 183 -20.97 -20.76 10.04
C LEU D 183 -20.98 -19.25 10.19
N VAL D 184 -19.94 -18.59 9.71
CA VAL D 184 -19.85 -17.15 9.86
C VAL D 184 -20.86 -16.42 9.00
N GLN D 185 -21.43 -17.09 7.99
CA GLN D 185 -22.47 -16.41 7.20
C GLN D 185 -23.78 -16.33 7.97
N MET D 186 -24.18 -17.41 8.64
CA MET D 186 -25.39 -17.36 9.42
C MET D 186 -25.21 -16.62 10.74
N ALA D 187 -24.01 -16.72 11.33
CA ALA D 187 -23.73 -15.98 12.55
C ALA D 187 -23.71 -14.47 12.30
N TRP D 188 -23.32 -14.05 11.10
CA TRP D 188 -23.33 -12.62 10.78
C TRP D 188 -24.75 -12.06 10.82
N THR D 189 -25.71 -12.79 10.25
CA THR D 189 -27.10 -12.35 10.34
C THR D 189 -27.61 -12.39 11.78
N PHE D 190 -27.08 -13.31 12.60
CA PHE D 190 -27.44 -13.34 14.01
C PHE D 190 -26.96 -12.09 14.73
N VAL D 191 -25.78 -11.57 14.36
CA VAL D 191 -25.33 -10.31 14.94
C VAL D 191 -26.22 -9.17 14.47
N ASN D 192 -26.75 -9.24 13.25
CA ASN D 192 -27.68 -8.22 12.77
C ASN D 192 -28.93 -8.19 13.64
N ASP D 193 -29.53 -9.35 13.87
CA ASP D 193 -30.75 -9.41 14.67
C ASP D 193 -30.48 -9.11 16.14
N SER D 194 -29.28 -9.45 16.64
CA SER D 194 -28.97 -9.19 18.04
C SER D 194 -28.95 -7.70 18.33
N LEU D 195 -28.66 -6.87 17.32
CA LEU D 195 -28.70 -5.43 17.49
C LEU D 195 -30.12 -4.92 17.71
N CYS D 196 -31.13 -5.72 17.38
CA CYS D 196 -32.51 -5.36 17.63
C CYS D 196 -32.92 -5.66 19.07
N THR D 197 -32.05 -6.31 19.83
CA THR D 197 -32.29 -6.65 21.22
C THR D 197 -31.35 -5.84 22.12
N THR D 198 -31.58 -5.92 23.42
CA THR D 198 -30.76 -5.24 24.41
C THR D 198 -29.51 -6.04 24.77
N LEU D 199 -29.13 -7.00 23.93
CA LEU D 199 -27.91 -7.77 24.17
C LEU D 199 -26.69 -6.87 24.23
N SER D 200 -26.69 -5.76 23.49
CA SER D 200 -25.58 -4.81 23.56
C SER D 200 -25.37 -4.31 24.98
N LEU D 201 -26.45 -4.17 25.75
CA LEU D 201 -26.39 -3.70 27.12
C LEU D 201 -26.16 -4.82 28.13
N GLN D 202 -25.91 -6.05 27.66
CA GLN D 202 -25.76 -7.19 28.55
C GLN D 202 -24.34 -7.74 28.55
N TRP D 203 -23.80 -8.11 27.39
CA TRP D 203 -22.52 -8.80 27.33
C TRP D 203 -21.57 -8.06 26.41
N GLU D 204 -20.28 -8.18 26.69
CA GLU D 204 -19.28 -7.60 25.81
C GLU D 204 -19.35 -8.22 24.42
N PRO D 205 -18.93 -7.49 23.39
CA PRO D 205 -19.05 -8.00 22.01
C PRO D 205 -18.42 -9.37 21.78
N GLU D 206 -17.36 -9.70 22.52
CA GLU D 206 -16.75 -11.03 22.36
C GLU D 206 -17.71 -12.13 22.79
N ILE D 207 -18.52 -11.87 23.82
CA ILE D 207 -19.48 -12.86 24.29
C ILE D 207 -20.55 -13.11 23.24
N ILE D 208 -20.97 -12.04 22.55
CA ILE D 208 -22.00 -12.18 21.53
C ILE D 208 -21.45 -12.89 20.30
N ALA D 209 -20.17 -12.65 19.97
CA ALA D 209 -19.57 -13.29 18.81
C ALA D 209 -19.51 -14.81 18.99
N VAL D 210 -19.09 -15.27 20.17
CA VAL D 210 -19.07 -16.70 20.41
C VAL D 210 -20.49 -17.24 20.55
N ALA D 211 -21.41 -16.42 21.05
CA ALA D 211 -22.80 -16.85 21.17
C ALA D 211 -23.42 -17.11 19.80
N VAL D 212 -23.14 -16.23 18.83
CA VAL D 212 -23.69 -16.45 17.49
C VAL D 212 -22.99 -17.59 16.78
N MET D 213 -21.73 -17.88 17.14
CA MET D 213 -21.10 -19.09 16.62
C MET D 213 -21.68 -20.33 17.28
N TYR D 214 -21.99 -20.25 18.58
CA TYR D 214 -22.66 -21.36 19.25
C TYR D 214 -24.03 -21.61 18.65
N LEU D 215 -24.78 -20.55 18.36
CA LEU D 215 -26.12 -20.72 17.82
C LEU D 215 -26.08 -21.30 16.41
N ALA D 216 -25.26 -20.73 15.53
CA ALA D 216 -25.19 -21.21 14.15
C ALA D 216 -24.63 -22.62 14.08
N GLY D 217 -23.75 -22.99 15.02
CA GLY D 217 -23.23 -24.34 15.05
C GLY D 217 -24.23 -25.38 15.49
N ARG D 218 -25.30 -24.96 16.18
CA ARG D 218 -26.34 -25.88 16.60
C ARG D 218 -27.43 -26.08 15.56
N LEU D 219 -27.71 -25.07 14.73
CA LEU D 219 -28.73 -25.21 13.71
C LEU D 219 -28.21 -25.93 12.47
N CYS D 220 -26.91 -25.83 12.19
CA CYS D 220 -26.31 -26.50 11.04
C CYS D 220 -25.87 -27.93 11.33
N LYS D 221 -26.03 -28.40 12.57
CA LYS D 221 -25.54 -29.71 13.00
C LYS D 221 -24.03 -29.79 12.85
N PHE D 222 -23.35 -28.71 13.19
CA PHE D 222 -21.90 -28.62 13.11
C PHE D 222 -21.27 -28.83 14.49
N GLU D 223 -20.11 -29.47 14.50
CA GLU D 223 -19.35 -29.68 15.73
C GLU D 223 -18.14 -28.76 15.70
N ILE D 224 -18.27 -27.61 16.38
CA ILE D 224 -17.22 -26.61 16.35
C ILE D 224 -15.96 -27.13 17.03
N GLN D 225 -16.11 -27.98 18.05
CA GLN D 225 -14.95 -28.50 18.77
C GLN D 225 -14.04 -29.31 17.86
N GLU D 226 -14.56 -29.84 16.75
CA GLU D 226 -13.73 -30.58 15.80
C GLU D 226 -12.73 -29.68 15.08
N TRP D 227 -12.93 -28.36 15.10
CA TRP D 227 -12.07 -27.41 14.40
C TRP D 227 -11.14 -26.64 15.33
N THR D 228 -11.03 -27.02 16.60
CA THR D 228 -10.21 -26.26 17.51
C THR D 228 -8.96 -27.05 17.93
N SER D 229 -8.31 -26.59 19.00
CA SER D 229 -7.10 -27.22 19.53
C SER D 229 -7.38 -28.03 20.79
N ARG D 235 -14.57 -25.53 27.25
CA ARG D 235 -15.02 -26.15 26.00
C ARG D 235 -14.32 -25.47 24.82
N TRP D 236 -14.93 -25.48 23.63
CA TRP D 236 -14.17 -24.99 22.48
C TRP D 236 -13.96 -23.48 22.51
N TRP D 237 -14.80 -22.71 23.22
CA TRP D 237 -14.64 -21.26 23.23
C TRP D 237 -13.75 -20.76 24.35
N GLU D 238 -13.34 -21.63 25.28
CA GLU D 238 -12.50 -21.20 26.38
C GLU D 238 -11.15 -20.67 25.91
N GLN D 239 -10.76 -20.93 24.66
CA GLN D 239 -9.53 -20.37 24.12
C GLN D 239 -9.73 -18.99 23.50
N PHE D 240 -10.98 -18.62 23.19
CA PHE D 240 -11.28 -17.30 22.65
C PHE D 240 -11.79 -16.34 23.72
N VAL D 241 -12.64 -16.81 24.61
CA VAL D 241 -13.15 -16.02 25.72
C VAL D 241 -13.05 -16.86 26.99
N GLN D 242 -12.57 -16.26 28.06
CA GLN D 242 -12.29 -16.99 29.29
C GLN D 242 -13.55 -17.24 30.10
N ASP D 243 -13.64 -18.45 30.67
CA ASP D 243 -14.63 -18.89 31.64
C ASP D 243 -16.02 -18.30 31.40
N VAL D 244 -16.68 -18.73 30.32
CA VAL D 244 -18.03 -18.31 30.02
C VAL D 244 -18.92 -19.55 30.09
N PRO D 245 -19.53 -19.83 31.23
CA PRO D 245 -20.39 -21.01 31.34
C PRO D 245 -21.49 -21.01 30.27
N VAL D 246 -21.88 -22.22 29.87
CA VAL D 246 -22.83 -22.39 28.77
C VAL D 246 -24.14 -21.67 29.04
N ASP D 247 -24.58 -21.62 30.31
CA ASP D 247 -25.86 -20.99 30.64
C ASP D 247 -25.94 -19.56 30.12
N VAL D 248 -24.80 -18.86 30.04
CA VAL D 248 -24.79 -17.55 29.42
C VAL D 248 -25.05 -17.67 27.92
N LEU D 249 -24.30 -18.54 27.25
CA LEU D 249 -24.38 -18.65 25.80
C LEU D 249 -25.75 -19.16 25.34
N GLU D 250 -26.30 -20.15 26.04
CA GLU D 250 -27.64 -20.62 25.68
C GLU D 250 -28.71 -19.61 26.04
N ASP D 251 -28.43 -18.67 26.95
CA ASP D 251 -29.37 -17.60 27.26
C ASP D 251 -29.33 -16.52 26.19
N ILE D 252 -28.15 -16.19 25.67
CA ILE D 252 -28.05 -15.22 24.59
C ILE D 252 -28.74 -15.74 23.34
N CYS D 253 -28.61 -17.04 23.07
CA CYS D 253 -29.20 -17.62 21.86
C CYS D 253 -30.72 -17.56 21.89
N HIS D 254 -31.33 -17.78 23.06
CA HIS D 254 -32.79 -17.76 23.16
C HIS D 254 -33.34 -16.40 22.74
N GLN D 255 -32.75 -15.32 23.24
CA GLN D 255 -33.27 -13.99 22.97
C GLN D 255 -33.16 -13.64 21.49
N ILE D 256 -32.20 -14.22 20.77
CA ILE D 256 -32.14 -14.04 19.33
C ILE D 256 -33.18 -14.90 18.64
N LEU D 257 -33.38 -16.13 19.12
CA LEU D 257 -34.39 -17.00 18.53
C LEU D 257 -35.80 -16.47 18.79
N ASP D 258 -36.02 -15.82 19.93
CA ASP D 258 -37.31 -15.23 20.23
C ASP D 258 -37.69 -14.14 19.24
N LEU D 259 -36.72 -13.57 18.53
CA LEU D 259 -37.00 -12.57 17.51
C LEU D 259 -37.81 -13.14 16.35
N TYR D 260 -37.79 -14.46 16.16
CA TYR D 260 -38.55 -15.12 15.10
C TYR D 260 -39.87 -15.68 15.60
N SER D 261 -40.27 -15.34 16.82
CA SER D 261 -41.53 -15.80 17.38
C SER D 261 -42.65 -14.79 17.16
#